data_8Q44
#
_entry.id   8Q44
#
_cell.length_a   57.714
_cell.length_b   78.357
_cell.length_c   94.661
_cell.angle_alpha   90.000
_cell.angle_beta   95.350
_cell.angle_gamma   90.000
#
_symmetry.space_group_name_H-M   'P 1 21 1'
#
loop_
_entity.id
_entity.type
_entity.pdbx_description
1 polymer 'DUF1887 family protein'
2 polymer "DNA (5'-D(*TP*TP*T)-3')"
3 polymer 'Cyclic tetraadenosine monophosphate (cA4)'
4 non-polymer 'MANGANESE (II) ION'
5 water water
#
loop_
_entity_poly.entity_id
_entity_poly.type
_entity_poly.pdbx_seq_one_letter_code
_entity_poly.pdbx_strand_id
1 'polypeptide(L)'
;MNEKVLVLIVGTNPLPNYVVGSHLKEKYDKFVLIYSEKNDKINQNSTYDYAKKLKEHLNLNDKCIFLPLSDVSNSEKIIN
DLREKFPSEDFVEVHLNYTGGTKTMVVHIYNFLKEKFKNNKIKFEGSYLDARDYKLVYDYSEEAISLKDTIKIDINTLLS
IHLYEDIHFEFYDTYSYKQKFVDSFDKISQEIEKAIKDDKGEDFVKWLEDPFRKIFKGENKLLEKTAKFKKHIEKLLKDN
DSSPIVKFNEKTPQFIWDILNAFPEGKKLNDGQKLWIPDDKITNDNLSSRVKDTVEFLNGKWFEWYVYSQIKSELLDRKL
KEGEHFGISLKAQKKDSPYFELDIFLINGYQLIGISLTTSSTRRLCKLKGFEVIHRVRQIGGDESKAILITGMDKSKTED
LQKDLAYETGSTQKRFVVFGIDDWADIGSKICEEVFK
;
A,B
2 'polydeoxyribonucleotide' (DT)(DT)(DT) C
3 'polyribonucleotide' AAAA X
#
loop_
_chem_comp.id
_chem_comp.type
_chem_comp.name
_chem_comp.formula
A RNA linking ADENOSINE-5'-MONOPHOSPHATE 'C10 H14 N5 O7 P'
DT DNA linking THYMIDINE-5'-MONOPHOSPHATE 'C10 H15 N2 O8 P'
MN non-polymer 'MANGANESE (II) ION' 'Mn 2'
#
# COMPACT_ATOMS: atom_id res chain seq x y z
N MET A 1 -26.38 8.40 -43.35
CA MET A 1 -25.74 7.75 -42.23
C MET A 1 -24.28 8.13 -42.09
N ASN A 2 -24.02 9.37 -41.70
CA ASN A 2 -22.64 9.77 -41.47
C ASN A 2 -22.24 9.42 -40.03
N GLU A 3 -22.05 8.14 -39.75
CA GLU A 3 -21.75 7.72 -38.38
C GLU A 3 -20.34 8.03 -37.92
N LYS A 4 -20.21 8.39 -36.65
CA LYS A 4 -18.90 8.68 -36.09
C LYS A 4 -18.67 7.76 -34.92
N VAL A 5 -17.53 7.08 -34.89
CA VAL A 5 -17.28 6.10 -33.84
C VAL A 5 -16.15 6.46 -32.90
N LEU A 6 -16.38 6.21 -31.62
CA LEU A 6 -15.31 6.42 -30.64
C LEU A 6 -14.82 5.07 -30.15
N VAL A 7 -13.51 4.89 -30.12
CA VAL A 7 -12.89 3.62 -29.72
C VAL A 7 -12.13 3.84 -28.42
N LEU A 8 -12.40 2.99 -27.44
CA LEU A 8 -11.75 3.04 -26.14
C LEU A 8 -11.09 1.70 -25.86
N ILE A 9 -9.91 1.74 -25.25
CA ILE A 9 -9.16 0.55 -24.87
C ILE A 9 -9.35 0.33 -23.37
N VAL A 10 -9.93 -0.81 -23.00
CA VAL A 10 -10.34 -1.07 -21.63
C VAL A 10 -9.20 -1.80 -20.92
N GLY A 11 -8.45 -1.06 -20.10
CA GLY A 11 -7.48 -1.65 -19.20
C GLY A 11 -8.07 -1.87 -17.83
N THR A 12 -7.19 -2.04 -16.85
CA THR A 12 -7.63 -2.23 -15.47
C THR A 12 -7.92 -0.93 -14.75
N ASN A 13 -7.67 0.22 -15.38
CA ASN A 13 -8.04 1.52 -14.83
C ASN A 13 -9.21 2.09 -15.64
N PRO A 14 -10.45 1.93 -15.18
CA PRO A 14 -11.59 2.43 -15.96
C PRO A 14 -11.82 3.92 -15.87
N LEU A 15 -11.22 4.62 -14.90
CA LEU A 15 -11.49 6.03 -14.71
C LEU A 15 -11.12 6.89 -15.92
N PRO A 16 -9.93 6.77 -16.52
CA PRO A 16 -9.65 7.58 -17.71
C PRO A 16 -10.59 7.31 -18.87
N ASN A 17 -11.03 6.06 -19.05
CA ASN A 17 -12.01 5.77 -20.08
C ASN A 17 -13.37 6.39 -19.77
N TYR A 18 -13.74 6.43 -18.48
CA TYR A 18 -14.98 7.11 -18.11
C TYR A 18 -14.88 8.61 -18.35
N VAL A 19 -13.74 9.21 -18.04
CA VAL A 19 -13.56 10.65 -18.22
C VAL A 19 -13.59 11.01 -19.70
N VAL A 20 -12.85 10.26 -20.52
CA VAL A 20 -12.86 10.51 -21.96
C VAL A 20 -14.24 10.22 -22.54
N GLY A 21 -14.89 9.16 -22.07
CA GLY A 21 -16.22 8.84 -22.55
C GLY A 21 -17.24 9.91 -22.21
N SER A 22 -17.20 10.41 -20.98
CA SER A 22 -18.13 11.46 -20.57
C SER A 22 -17.91 12.75 -21.36
N HIS A 23 -16.68 12.98 -21.83
CA HIS A 23 -16.37 14.24 -22.50
C HIS A 23 -16.77 14.20 -23.97
N LEU A 24 -16.60 13.06 -24.64
CA LEU A 24 -16.83 12.94 -26.07
C LEU A 24 -18.12 12.21 -26.40
N LYS A 25 -18.98 11.94 -25.40
CA LYS A 25 -20.14 11.09 -25.62
C LYS A 25 -21.10 11.69 -26.64
N GLU A 26 -21.46 12.96 -26.45
CA GLU A 26 -22.45 13.61 -27.30
C GLU A 26 -21.94 13.91 -28.71
N LYS A 27 -20.75 13.44 -29.10
CA LYS A 27 -20.21 13.70 -30.43
C LYS A 27 -20.09 12.45 -31.30
N TYR A 28 -20.42 11.27 -30.77
CA TYR A 28 -20.24 10.03 -31.49
C TYR A 28 -21.49 9.16 -31.41
N ASP A 29 -21.75 8.43 -32.49
CA ASP A 29 -22.93 7.58 -32.60
C ASP A 29 -22.64 6.15 -32.16
N LYS A 30 -21.39 5.70 -32.26
CA LYS A 30 -21.01 4.34 -31.92
C LYS A 30 -19.82 4.37 -30.98
N PHE A 31 -19.70 3.33 -30.15
CA PHE A 31 -18.60 3.21 -29.20
C PHE A 31 -18.11 1.77 -29.23
N VAL A 32 -16.82 1.59 -29.50
CA VAL A 32 -16.19 0.29 -29.53
C VAL A 32 -15.30 0.17 -28.30
N LEU A 33 -15.74 -0.63 -27.33
CA LEU A 33 -14.96 -0.89 -26.12
C LEU A 33 -14.13 -2.14 -26.36
N ILE A 34 -12.83 -1.96 -26.56
CA ILE A 34 -11.91 -3.06 -26.80
C ILE A 34 -11.37 -3.53 -25.46
N TYR A 35 -11.65 -4.78 -25.11
CA TYR A 35 -11.29 -5.33 -23.81
C TYR A 35 -10.61 -6.68 -24.02
N SER A 36 -10.09 -7.23 -22.92
CA SER A 36 -9.37 -8.49 -22.93
C SER A 36 -10.24 -9.64 -22.46
N GLU A 37 -10.02 -10.81 -23.04
CA GLU A 37 -10.64 -12.05 -22.57
C GLU A 37 -9.74 -12.69 -21.52
N LYS A 38 -10.33 -13.60 -20.74
CA LYS A 38 -9.60 -14.28 -19.69
C LYS A 38 -8.99 -15.58 -20.22
N ASN A 39 -7.73 -15.83 -19.85
CA ASN A 39 -7.01 -17.02 -20.28
C ASN A 39 -5.98 -17.33 -19.20
N ASP A 40 -6.26 -18.35 -18.38
CA ASP A 40 -5.34 -18.69 -17.29
C ASP A 40 -4.01 -19.22 -17.81
N LYS A 41 -4.01 -19.86 -18.97
CA LYS A 41 -2.79 -20.48 -19.47
C LYS A 41 -1.71 -19.45 -19.77
N ILE A 42 -2.10 -18.22 -20.11
CA ILE A 42 -1.17 -17.14 -20.35
C ILE A 42 -1.21 -16.09 -19.25
N ASN A 43 -1.82 -16.40 -18.11
CA ASN A 43 -1.87 -15.51 -16.95
C ASN A 43 -2.50 -14.16 -17.32
N GLN A 44 -3.52 -14.20 -18.16
CA GLN A 44 -4.18 -13.00 -18.65
C GLN A 44 -5.61 -12.95 -18.09
N ASN A 45 -5.88 -11.95 -17.26
CA ASN A 45 -7.22 -11.75 -16.74
C ASN A 45 -8.02 -10.90 -17.70
N SER A 46 -9.34 -10.90 -17.51
CA SER A 46 -10.26 -10.19 -18.38
C SER A 46 -10.64 -8.85 -17.78
N THR A 47 -10.70 -7.82 -18.63
CA THR A 47 -11.20 -6.51 -18.24
C THR A 47 -12.65 -6.30 -18.69
N TYR A 48 -13.39 -7.40 -18.90
CA TYR A 48 -14.77 -7.26 -19.35
C TYR A 48 -15.67 -6.63 -18.30
N ASP A 49 -15.36 -6.83 -17.02
CA ASP A 49 -16.15 -6.20 -15.97
C ASP A 49 -16.06 -4.68 -16.05
N TYR A 50 -14.87 -4.16 -16.35
CA TYR A 50 -14.72 -2.71 -16.50
C TYR A 50 -15.46 -2.20 -17.73
N ALA A 51 -15.43 -2.97 -18.82
CA ALA A 51 -16.18 -2.56 -20.01
C ALA A 51 -17.67 -2.57 -19.75
N LYS A 52 -18.17 -3.54 -18.99
CA LYS A 52 -19.58 -3.55 -18.59
C LYS A 52 -19.92 -2.31 -17.78
N LYS A 53 -19.10 -1.99 -16.79
CA LYS A 53 -19.36 -0.82 -15.95
C LYS A 53 -19.22 0.48 -16.74
N LEU A 54 -18.37 0.50 -17.76
CA LEU A 54 -18.26 1.68 -18.60
C LEU A 54 -19.52 1.88 -19.45
N LYS A 55 -20.01 0.81 -20.06
CA LYS A 55 -21.26 0.90 -20.82
C LYS A 55 -22.42 1.30 -19.92
N GLU A 56 -22.46 0.77 -18.70
CA GLU A 56 -23.56 1.06 -17.80
C GLU A 56 -23.55 2.53 -17.37
N HIS A 57 -22.41 3.02 -16.88
CA HIS A 57 -22.36 4.34 -16.30
C HIS A 57 -22.13 5.45 -17.32
N LEU A 58 -21.79 5.10 -18.56
CA LEU A 58 -21.83 6.08 -19.65
C LEU A 58 -23.15 6.08 -20.39
N ASN A 59 -24.06 5.15 -20.08
CA ASN A 59 -25.37 5.05 -20.70
C ASN A 59 -25.25 4.95 -22.23
N LEU A 60 -24.45 3.98 -22.67
CA LEU A 60 -24.20 3.83 -24.10
C LEU A 60 -25.33 3.07 -24.79
N ASN A 61 -26.00 2.17 -24.08
CA ASN A 61 -27.16 1.40 -24.59
C ASN A 61 -26.68 0.57 -25.78
N ASP A 62 -27.48 0.46 -26.84
CA ASP A 62 -27.12 -0.35 -28.00
C ASP A 62 -26.04 0.31 -28.87
N LYS A 63 -25.63 1.53 -28.56
CA LYS A 63 -24.56 2.19 -29.28
C LYS A 63 -23.18 1.69 -28.88
N CYS A 64 -23.11 0.79 -27.89
CA CYS A 64 -21.84 0.23 -27.43
C CYS A 64 -21.58 -1.09 -28.14
N ILE A 65 -20.36 -1.24 -28.65
CA ILE A 65 -19.93 -2.45 -29.34
C ILE A 65 -18.76 -3.03 -28.55
N PHE A 66 -18.96 -4.21 -27.97
CA PHE A 66 -17.90 -4.91 -27.28
C PHE A 66 -17.01 -5.63 -28.29
N LEU A 67 -15.69 -5.44 -28.15
CA LEU A 67 -14.71 -6.10 -29.02
C LEU A 67 -13.71 -6.83 -28.14
N PRO A 68 -13.85 -8.14 -27.97
CA PRO A 68 -12.92 -8.88 -27.12
C PRO A 68 -11.62 -9.21 -27.84
N LEU A 69 -10.54 -9.22 -27.06
CA LEU A 69 -9.23 -9.64 -27.53
C LEU A 69 -8.81 -10.89 -26.77
N SER A 70 -8.34 -11.91 -27.49
CA SER A 70 -7.97 -13.16 -26.87
C SER A 70 -6.58 -13.11 -26.25
N ASP A 71 -5.68 -12.30 -26.80
CA ASP A 71 -4.30 -12.24 -26.33
C ASP A 71 -3.82 -10.80 -26.52
N VAL A 72 -3.66 -10.08 -25.40
CA VAL A 72 -3.34 -8.66 -25.46
C VAL A 72 -1.83 -8.46 -25.47
N SER A 73 -1.07 -9.54 -25.59
CA SER A 73 0.38 -9.48 -25.70
C SER A 73 0.88 -9.98 -27.04
N ASN A 74 -0.01 -10.37 -27.96
CA ASN A 74 0.35 -10.96 -29.24
C ASN A 74 -0.12 -10.04 -30.35
N SER A 75 0.83 -9.48 -31.11
CA SER A 75 0.48 -8.53 -32.16
C SER A 75 -0.40 -9.18 -33.23
N GLU A 76 -0.10 -10.44 -33.59
CA GLU A 76 -0.88 -11.10 -34.62
C GLU A 76 -2.28 -11.45 -34.13
N LYS A 77 -2.40 -11.88 -32.87
CA LYS A 77 -3.71 -12.17 -32.31
C LYS A 77 -4.57 -10.90 -32.21
N ILE A 78 -3.95 -9.78 -31.86
CA ILE A 78 -4.69 -8.52 -31.76
C ILE A 78 -5.18 -8.11 -33.14
N ILE A 79 -4.31 -8.17 -34.15
CA ILE A 79 -4.69 -7.76 -35.49
C ILE A 79 -5.79 -8.67 -36.04
N ASN A 80 -5.66 -9.98 -35.82
CA ASN A 80 -6.67 -10.91 -36.32
C ASN A 80 -8.03 -10.66 -35.67
N ASP A 81 -8.05 -10.41 -34.36
CA ASP A 81 -9.30 -10.12 -33.70
C ASP A 81 -9.91 -8.81 -34.20
N LEU A 82 -9.07 -7.79 -34.39
CA LEU A 82 -9.56 -6.51 -34.89
C LEU A 82 -10.12 -6.64 -36.30
N ARG A 83 -9.40 -7.34 -37.18
CA ARG A 83 -9.85 -7.49 -38.55
C ARG A 83 -11.15 -8.27 -38.66
N GLU A 84 -11.45 -9.11 -37.67
CA GLU A 84 -12.64 -9.96 -37.71
C GLU A 84 -13.80 -9.42 -36.89
N LYS A 85 -13.54 -8.51 -35.94
CA LYS A 85 -14.57 -8.09 -35.00
C LYS A 85 -14.85 -6.59 -35.00
N PHE A 86 -14.00 -5.77 -35.60
CA PHE A 86 -14.28 -4.35 -35.65
C PHE A 86 -15.45 -4.09 -36.59
N PRO A 87 -16.40 -3.25 -36.20
CA PRO A 87 -17.61 -3.04 -37.02
C PRO A 87 -17.26 -2.56 -38.42
N SER A 88 -18.04 -3.03 -39.40
CA SER A 88 -17.74 -2.82 -40.81
C SER A 88 -18.59 -1.72 -41.44
N GLU A 89 -19.36 -0.97 -40.65
CA GLU A 89 -20.20 0.07 -41.21
C GLU A 89 -19.35 1.23 -41.73
N ASP A 90 -19.97 2.07 -42.55
CA ASP A 90 -19.30 3.22 -43.13
C ASP A 90 -19.30 4.36 -42.11
N PHE A 91 -18.11 4.73 -41.64
CA PHE A 91 -17.94 5.81 -40.68
C PHE A 91 -17.25 6.99 -41.36
N VAL A 92 -17.63 8.20 -40.95
CA VAL A 92 -16.96 9.39 -41.46
C VAL A 92 -15.86 9.88 -40.52
N GLU A 93 -15.88 9.46 -39.26
CA GLU A 93 -14.82 9.77 -38.32
C GLU A 93 -14.61 8.57 -37.40
N VAL A 94 -13.35 8.18 -37.20
CA VAL A 94 -12.98 7.12 -36.29
C VAL A 94 -12.00 7.70 -35.28
N HIS A 95 -12.45 7.86 -34.04
CA HIS A 95 -11.64 8.45 -32.97
C HIS A 95 -11.23 7.36 -32.00
N LEU A 96 -9.93 7.16 -31.85
CA LEU A 96 -9.38 6.18 -30.92
C LEU A 96 -8.67 6.91 -29.78
N ASN A 97 -9.12 6.66 -28.56
CA ASN A 97 -8.41 7.12 -27.37
C ASN A 97 -7.60 5.93 -26.85
N TYR A 98 -6.28 6.01 -27.01
CA TYR A 98 -5.38 4.90 -26.69
C TYR A 98 -4.77 5.04 -25.29
N THR A 99 -5.54 5.54 -24.33
CA THR A 99 -5.01 5.78 -23.00
C THR A 99 -4.85 4.48 -22.21
N GLY A 100 -5.79 3.54 -22.36
CA GLY A 100 -5.79 2.32 -21.60
C GLY A 100 -5.13 1.15 -22.33
N GLY A 101 -5.11 0.01 -21.65
CA GLY A 101 -4.63 -1.22 -22.23
C GLY A 101 -3.11 -1.35 -22.19
N THR A 102 -2.65 -2.52 -22.61
CA THR A 102 -1.21 -2.79 -22.68
C THR A 102 -0.59 -1.98 -23.82
N LYS A 103 0.72 -1.95 -23.84
CA LYS A 103 1.38 -1.23 -24.91
C LYS A 103 1.18 -1.92 -26.27
N THR A 104 1.13 -3.25 -26.31
CA THR A 104 0.85 -3.93 -27.56
C THR A 104 -0.56 -3.65 -28.05
N MET A 105 -1.54 -3.64 -27.13
CA MET A 105 -2.89 -3.22 -27.50
C MET A 105 -2.87 -1.83 -28.13
N VAL A 106 -2.13 -0.91 -27.54
CA VAL A 106 -2.14 0.45 -28.04
C VAL A 106 -1.48 0.55 -29.40
N VAL A 107 -0.32 -0.04 -29.56
CA VAL A 107 0.40 0.09 -30.83
C VAL A 107 -0.43 -0.46 -31.97
N HIS A 108 -0.93 -1.69 -31.83
CA HIS A 108 -1.52 -2.39 -32.95
C HIS A 108 -2.99 -2.07 -33.17
N ILE A 109 -3.68 -1.51 -32.17
CA ILE A 109 -5.00 -0.96 -32.42
C ILE A 109 -4.87 0.40 -33.13
N TYR A 110 -3.86 1.18 -32.74
CA TYR A 110 -3.62 2.46 -33.39
C TYR A 110 -3.28 2.28 -34.87
N ASN A 111 -2.31 1.41 -35.16
CA ASN A 111 -1.86 1.25 -36.54
C ASN A 111 -2.88 0.52 -37.40
N PHE A 112 -3.69 -0.37 -36.80
CA PHE A 112 -4.73 -1.03 -37.56
C PHE A 112 -5.81 -0.05 -38.01
N LEU A 113 -6.25 0.83 -37.11
CA LEU A 113 -7.27 1.81 -37.46
C LEU A 113 -6.71 2.92 -38.33
N LYS A 114 -5.47 3.33 -38.10
CA LYS A 114 -4.84 4.35 -38.93
C LYS A 114 -4.70 3.87 -40.37
N GLU A 115 -4.45 2.58 -40.57
CA GLU A 115 -4.37 2.05 -41.93
C GLU A 115 -5.75 1.88 -42.54
N LYS A 116 -6.74 1.46 -41.75
CA LYS A 116 -8.04 1.09 -42.30
C LYS A 116 -8.86 2.31 -42.69
N PHE A 117 -8.75 3.41 -41.94
CA PHE A 117 -9.66 4.54 -42.11
C PHE A 117 -8.96 5.80 -42.58
N LYS A 118 -7.83 6.17 -41.99
CA LYS A 118 -7.10 7.37 -42.43
C LYS A 118 -6.74 7.31 -43.91
N LYS A 121 -9.55 8.95 -46.95
CA LYS A 121 -10.01 10.32 -46.77
C LYS A 121 -11.06 10.42 -45.66
N ILE A 122 -11.02 9.50 -44.71
CA ILE A 122 -11.94 9.47 -43.58
C ILE A 122 -11.20 9.99 -42.35
N LYS A 123 -11.86 10.88 -41.60
CA LYS A 123 -11.23 11.52 -40.45
C LYS A 123 -10.82 10.52 -39.39
N PHE A 124 -9.51 10.27 -39.28
CA PHE A 124 -8.96 9.47 -38.20
C PHE A 124 -8.33 10.38 -37.16
N GLU A 125 -8.55 10.06 -35.89
CA GLU A 125 -8.04 10.89 -34.81
C GLU A 125 -7.65 10.00 -33.63
N GLY A 126 -6.52 10.31 -33.02
CA GLY A 126 -6.08 9.64 -31.81
C GLY A 126 -5.91 10.64 -30.68
N SER A 127 -6.31 10.23 -29.47
CA SER A 127 -6.21 11.09 -28.30
C SER A 127 -5.67 10.31 -27.13
N TYR A 128 -5.20 11.04 -26.12
CA TYR A 128 -4.56 10.46 -24.94
C TYR A 128 -4.81 11.39 -23.76
N LEU A 129 -5.37 10.85 -22.68
CA LEU A 129 -5.66 11.63 -21.49
C LEU A 129 -4.44 11.65 -20.58
N ASP A 130 -3.89 12.83 -20.35
CA ASP A 130 -2.70 12.98 -19.51
C ASP A 130 -3.10 12.87 -18.04
N ALA A 131 -2.53 11.89 -17.34
CA ALA A 131 -2.82 11.72 -15.92
C ALA A 131 -2.19 12.82 -15.07
N ARG A 132 -1.14 13.47 -15.55
CA ARG A 132 -0.37 14.41 -14.74
C ARG A 132 -0.92 15.84 -14.80
N ASP A 133 -1.34 16.31 -15.98
CA ASP A 133 -1.85 17.66 -16.12
C ASP A 133 -3.31 17.70 -16.55
N TYR A 134 -4.02 16.57 -16.51
CA TYR A 134 -5.46 16.50 -16.73
C TYR A 134 -5.85 17.11 -18.07
N LYS A 135 -5.14 16.73 -19.13
CA LYS A 135 -5.39 17.27 -20.46
C LYS A 135 -5.59 16.14 -21.46
N LEU A 136 -6.64 16.26 -22.26
CA LEU A 136 -6.90 15.34 -23.36
C LEU A 136 -6.19 15.88 -24.60
N VAL A 137 -5.11 15.21 -25.00
CA VAL A 137 -4.25 15.68 -26.09
C VAL A 137 -4.63 14.96 -27.36
N TYR A 138 -4.80 15.71 -28.45
CA TYR A 138 -5.15 15.17 -29.75
C TYR A 138 -3.90 15.03 -30.61
N ASP A 139 -3.83 13.96 -31.39
CA ASP A 139 -2.65 13.68 -32.20
C ASP A 139 -2.63 14.56 -33.46
N TYR A 140 -3.73 14.58 -34.21
CA TYR A 140 -3.75 15.23 -35.51
C TYR A 140 -4.27 16.66 -35.47
N SER A 141 -5.33 16.93 -34.70
CA SER A 141 -5.76 18.31 -34.53
C SER A 141 -4.82 19.09 -33.62
N GLU A 142 -3.95 18.40 -32.89
CA GLU A 142 -2.95 19.01 -32.01
C GLU A 142 -3.57 19.89 -30.93
N GLU A 143 -4.78 19.55 -30.50
CA GLU A 143 -5.42 20.23 -29.39
C GLU A 143 -5.00 19.61 -28.06
N ALA A 144 -5.17 20.39 -26.99
CA ALA A 144 -4.87 19.94 -25.63
C ALA A 144 -5.89 20.60 -24.70
N ILE A 145 -7.01 19.91 -24.49
CA ILE A 145 -8.13 20.45 -23.71
C ILE A 145 -8.03 19.94 -22.29
N SER A 146 -8.08 20.85 -21.32
CA SER A 146 -8.05 20.48 -19.92
C SER A 146 -9.44 20.04 -19.47
N LEU A 147 -9.52 18.81 -18.96
CA LEU A 147 -10.74 18.27 -18.38
C LEU A 147 -10.74 18.34 -16.86
N LYS A 148 -9.75 19.03 -16.28
CA LYS A 148 -9.59 19.03 -14.82
C LYS A 148 -10.83 19.57 -14.11
N ASP A 149 -11.43 20.63 -14.65
CA ASP A 149 -12.60 21.24 -14.04
C ASP A 149 -13.88 21.01 -14.84
N THR A 150 -13.80 20.34 -15.98
CA THR A 150 -14.98 20.10 -16.81
C THR A 150 -15.71 18.82 -16.39
N ILE A 151 -14.99 17.70 -16.34
CA ILE A 151 -15.58 16.40 -16.09
C ILE A 151 -15.70 16.19 -14.58
N LYS A 152 -16.90 15.85 -14.13
CA LYS A 152 -17.18 15.59 -12.73
C LYS A 152 -17.61 14.14 -12.56
N ILE A 153 -17.39 13.62 -11.35
CA ILE A 153 -17.79 12.26 -11.01
C ILE A 153 -18.14 12.23 -9.53
N ASP A 154 -19.12 11.40 -9.18
CA ASP A 154 -19.55 11.24 -7.81
C ASP A 154 -18.93 9.97 -7.20
N ILE A 155 -19.06 9.85 -5.88
CA ILE A 155 -18.43 8.74 -5.18
C ILE A 155 -19.09 7.42 -5.55
N ASN A 156 -20.38 7.43 -5.90
CA ASN A 156 -21.06 6.20 -6.27
C ASN A 156 -20.58 5.70 -7.63
N THR A 157 -20.52 6.58 -8.62
CA THR A 157 -20.02 6.19 -9.93
C THR A 157 -18.54 5.80 -9.87
N LEU A 158 -17.76 6.51 -9.06
CA LEU A 158 -16.33 6.23 -8.96
C LEU A 158 -16.09 4.84 -8.40
N LEU A 159 -16.78 4.48 -7.32
CA LEU A 159 -16.57 3.17 -6.72
C LEU A 159 -17.20 2.05 -7.55
N SER A 160 -18.25 2.35 -8.31
CA SER A 160 -18.94 1.31 -9.07
C SER A 160 -18.09 0.84 -10.24
N ILE A 161 -17.46 1.77 -10.97
CA ILE A 161 -16.63 1.37 -12.11
C ILE A 161 -15.42 0.58 -11.64
N HIS A 162 -14.99 0.78 -10.40
CA HIS A 162 -13.92 -0.02 -9.81
C HIS A 162 -14.44 -1.25 -9.10
N LEU A 163 -15.69 -1.63 -9.37
CA LEU A 163 -16.30 -2.90 -8.96
C LEU A 163 -16.65 -2.96 -7.47
N TYR A 164 -16.83 -1.80 -6.84
CA TYR A 164 -17.28 -1.75 -5.45
C TYR A 164 -18.77 -1.42 -5.38
N GLU A 165 -19.44 -2.02 -4.40
CA GLU A 165 -20.89 -1.91 -4.27
C GLU A 165 -21.26 -1.70 -2.81
N ASP A 166 -22.54 -1.44 -2.57
CA ASP A 166 -23.10 -1.18 -1.25
C ASP A 166 -22.37 -0.02 -0.57
N ILE A 167 -22.42 1.13 -1.24
CA ILE A 167 -21.72 2.32 -0.78
C ILE A 167 -22.57 3.05 0.26
N HIS A 168 -21.99 3.29 1.43
CA HIS A 168 -22.67 4.01 2.49
C HIS A 168 -21.70 4.99 3.15
N PHE A 169 -22.24 6.08 3.68
CA PHE A 169 -21.46 7.12 4.34
C PHE A 169 -22.44 8.00 5.11
N GLU A 170 -21.90 9.00 5.81
CA GLU A 170 -22.70 9.89 6.63
C GLU A 170 -22.52 11.33 6.19
N PHE A 171 -23.58 12.12 6.33
CA PHE A 171 -23.56 13.54 6.00
C PHE A 171 -23.18 14.37 7.23
N TYR A 172 -23.03 15.67 7.07
CA TYR A 172 -22.72 16.50 8.20
C TYR A 172 -23.87 16.48 9.16
N ASP A 173 -25.07 16.39 8.62
CA ASP A 173 -26.25 16.44 9.46
C ASP A 173 -26.82 15.07 9.72
N THR A 174 -26.01 14.04 9.54
CA THR A 174 -26.46 12.70 9.86
C THR A 174 -25.37 11.99 10.64
N TYR A 175 -24.35 12.71 11.07
CA TYR A 175 -23.24 12.10 11.78
C TYR A 175 -23.75 11.35 13.01
N SER A 176 -23.21 10.17 13.26
CA SER A 176 -23.72 9.33 14.36
C SER A 176 -23.64 9.92 15.74
N TYR A 177 -22.50 10.50 16.09
CA TYR A 177 -22.34 10.99 17.45
C TYR A 177 -23.27 12.14 17.76
N LYS A 178 -23.83 12.74 16.74
CA LYS A 178 -24.79 13.78 16.99
C LYS A 178 -26.00 13.18 17.72
N GLN A 179 -26.26 11.90 17.53
CA GLN A 179 -27.36 11.25 18.24
C GLN A 179 -26.95 10.78 19.62
N LYS A 180 -25.72 10.34 19.76
CA LYS A 180 -25.23 9.90 21.05
C LYS A 180 -25.25 11.05 22.04
N PHE A 181 -25.06 12.26 21.56
CA PHE A 181 -25.11 13.44 22.42
C PHE A 181 -26.16 14.39 21.85
N VAL A 182 -27.43 14.02 21.99
CA VAL A 182 -28.51 14.87 21.52
C VAL A 182 -28.53 16.17 22.31
N ASP A 183 -28.80 17.27 21.61
CA ASP A 183 -28.87 18.62 22.18
C ASP A 183 -27.53 19.13 22.68
N SER A 184 -26.53 18.25 22.77
CA SER A 184 -25.24 18.62 23.35
C SER A 184 -24.05 18.42 22.43
N PHE A 185 -24.22 17.83 21.24
CA PHE A 185 -23.08 17.60 20.37
C PHE A 185 -22.43 18.90 19.94
N ASP A 186 -23.23 19.92 19.65
CA ASP A 186 -22.69 21.22 19.27
C ASP A 186 -21.72 21.74 20.34
N LYS A 187 -22.22 21.91 21.57
CA LYS A 187 -21.40 22.46 22.64
C LYS A 187 -20.13 21.64 22.84
N ILE A 188 -20.21 20.32 22.71
CA ILE A 188 -19.04 19.47 22.88
C ILE A 188 -18.02 19.73 21.78
N SER A 189 -18.48 19.79 20.53
CA SER A 189 -17.55 19.93 19.41
C SER A 189 -17.01 21.35 19.30
N GLN A 190 -17.80 22.36 19.65
CA GLN A 190 -17.30 23.73 19.62
C GLN A 190 -16.22 23.94 20.67
N GLU A 191 -16.39 23.34 21.85
CA GLU A 191 -15.38 23.47 22.90
C GLU A 191 -14.08 22.79 22.47
N ILE A 192 -14.16 21.59 21.90
CA ILE A 192 -12.98 20.91 21.40
C ILE A 192 -12.36 21.70 20.25
N GLU A 193 -13.19 22.21 19.35
CA GLU A 193 -12.68 23.01 18.23
C GLU A 193 -11.93 24.24 18.74
N LYS A 194 -12.47 24.90 19.77
CA LYS A 194 -11.84 26.10 20.31
C LYS A 194 -10.45 25.78 20.86
N ALA A 195 -10.29 24.60 21.47
CA ALA A 195 -8.99 24.23 22.03
C ALA A 195 -7.98 23.90 20.95
N ILE A 196 -8.40 23.14 19.93
CA ILE A 196 -7.47 22.75 18.87
C ILE A 196 -7.03 23.96 18.07
N LYS A 197 -7.95 24.90 17.83
CA LYS A 197 -7.58 26.15 17.16
C LYS A 197 -6.62 26.99 17.98
N ASP A 198 -6.56 26.76 19.30
CA ASP A 198 -5.66 27.46 20.20
C ASP A 198 -4.34 26.72 20.38
N ASP A 199 -3.98 25.84 19.45
CA ASP A 199 -2.73 25.09 19.48
C ASP A 199 -2.59 24.23 20.74
N LYS A 200 -3.71 23.70 21.23
CA LYS A 200 -3.71 22.83 22.40
C LYS A 200 -3.77 21.35 22.00
N GLY A 201 -3.64 21.04 20.71
CA GLY A 201 -3.75 19.66 20.28
C GLY A 201 -2.69 18.76 20.87
N GLU A 202 -1.45 19.25 20.91
CA GLU A 202 -0.35 18.44 21.44
C GLU A 202 -0.54 18.13 22.91
N ASP A 203 -0.95 19.13 23.70
CA ASP A 203 -1.24 18.88 25.10
C ASP A 203 -2.44 17.96 25.27
N PHE A 204 -3.42 18.05 24.37
CA PHE A 204 -4.61 17.21 24.45
C PHE A 204 -4.26 15.75 24.26
N VAL A 205 -3.45 15.43 23.24
CA VAL A 205 -3.15 14.02 22.96
C VAL A 205 -2.23 13.44 24.03
N LYS A 206 -1.38 14.26 24.64
CA LYS A 206 -0.57 13.76 25.76
C LYS A 206 -1.44 13.38 26.94
N TRP A 207 -2.48 14.18 27.21
CA TRP A 207 -3.39 13.87 28.31
C TRP A 207 -4.28 12.68 27.98
N LEU A 208 -4.60 12.48 26.70
CA LEU A 208 -5.39 11.33 26.30
C LEU A 208 -4.61 10.03 26.50
N GLU A 209 -3.32 10.04 26.16
CA GLU A 209 -2.49 8.86 26.38
C GLU A 209 -2.30 8.59 27.87
N ASP A 210 -2.06 9.63 28.66
CA ASP A 210 -1.94 9.53 30.10
C ASP A 210 -2.45 10.81 30.72
N PRO A 211 -3.38 10.76 31.69
CA PRO A 211 -3.93 9.56 32.33
C PRO A 211 -5.22 9.01 31.72
N PHE A 212 -5.71 9.57 30.62
CA PHE A 212 -7.06 9.23 30.13
C PHE A 212 -7.14 7.76 29.73
N ARG A 213 -6.19 7.28 28.92
CA ARG A 213 -6.25 5.90 28.46
C ARG A 213 -5.87 4.90 29.55
N LYS A 214 -5.11 5.33 30.57
CA LYS A 214 -4.83 4.45 31.69
C LYS A 214 -6.09 4.17 32.51
N ILE A 215 -7.03 5.11 32.54
CA ILE A 215 -8.21 4.99 33.37
C ILE A 215 -9.36 4.31 32.65
N PHE A 216 -9.58 4.64 31.37
CA PHE A 216 -10.79 4.22 30.67
C PHE A 216 -10.53 3.16 29.60
N LYS A 217 -9.28 2.76 29.41
CA LYS A 217 -8.97 1.79 28.37
C LYS A 217 -8.28 0.57 28.94
N GLY A 218 -9.05 -0.44 29.33
CA GLY A 218 -8.49 -1.66 29.88
C GLY A 218 -9.14 -2.91 29.33
N GLU A 219 -9.63 -3.78 30.21
CA GLU A 219 -10.30 -5.00 29.78
C GLU A 219 -11.40 -4.68 28.78
N ASN A 220 -11.70 -5.63 27.89
CA ASN A 220 -12.80 -5.40 26.95
C ASN A 220 -14.06 -5.21 27.75
N LYS A 221 -14.87 -4.24 27.35
CA LYS A 221 -16.13 -3.96 28.06
C LYS A 221 -15.86 -3.47 29.48
N LEU A 222 -14.67 -2.97 29.73
CA LEU A 222 -14.33 -2.45 31.05
C LEU A 222 -15.29 -1.37 31.49
N LEU A 223 -15.71 -0.54 30.55
CA LEU A 223 -16.59 0.57 30.87
C LEU A 223 -18.05 0.19 30.78
N GLU A 224 -18.33 -1.08 30.55
CA GLU A 224 -19.71 -1.54 30.51
C GLU A 224 -20.01 -2.51 31.64
N LYS A 225 -19.02 -2.82 32.45
CA LYS A 225 -19.21 -3.72 33.58
C LYS A 225 -18.68 -3.11 34.87
N THR A 226 -19.58 -2.73 35.76
CA THR A 226 -19.17 -2.08 37.00
C THR A 226 -18.12 -2.88 37.74
N ALA A 227 -18.24 -4.21 37.71
CA ALA A 227 -17.28 -5.04 38.41
C ALA A 227 -15.88 -4.88 37.82
N LYS A 228 -15.76 -4.96 36.49
CA LYS A 228 -14.46 -4.79 35.85
C LYS A 228 -13.91 -3.39 36.10
N PHE A 229 -14.78 -2.38 36.09
CA PHE A 229 -14.31 -1.00 36.18
C PHE A 229 -13.91 -0.63 37.60
N LYS A 230 -14.69 -1.05 38.59
CA LYS A 230 -14.36 -0.72 39.98
C LYS A 230 -13.12 -1.48 40.44
N LYS A 231 -12.92 -2.70 39.96
CA LYS A 231 -11.70 -3.39 40.33
C LYS A 231 -10.53 -2.68 39.71
N HIS A 232 -10.67 -2.28 38.45
CA HIS A 232 -9.61 -1.59 37.75
C HIS A 232 -9.20 -0.33 38.48
N ILE A 233 -10.17 0.48 38.88
CA ILE A 233 -9.83 1.73 39.53
C ILE A 233 -9.16 1.45 40.86
N GLU A 234 -9.62 0.42 41.54
CA GLU A 234 -9.02 0.04 42.81
C GLU A 234 -7.58 -0.40 42.59
N LYS A 235 -7.30 -1.00 41.44
CA LYS A 235 -5.92 -1.35 41.16
C LYS A 235 -5.11 -0.09 40.98
N LEU A 236 -5.65 0.85 40.22
CA LEU A 236 -4.93 2.09 39.95
C LEU A 236 -4.67 2.88 41.22
N LEU A 237 -5.65 2.92 42.12
CA LEU A 237 -5.48 3.64 43.37
C LEU A 237 -4.39 3.00 44.22
N LYS A 238 -4.15 1.70 44.02
CA LYS A 238 -3.08 1.04 44.75
C LYS A 238 -1.77 1.72 44.45
N ASP A 239 -1.53 2.01 43.18
CA ASP A 239 -0.31 2.68 42.80
C ASP A 239 -0.48 4.14 43.11
N ASN A 240 -0.60 4.48 44.38
CA ASN A 240 -0.88 5.87 44.74
C ASN A 240 0.11 6.89 44.22
N ASP A 241 1.40 6.63 44.35
CA ASP A 241 2.40 7.62 43.96
C ASP A 241 2.23 8.11 42.53
N SER A 242 2.08 7.20 41.58
CA SER A 242 1.96 7.59 40.18
C SER A 242 0.60 7.24 39.62
N SER A 243 -0.41 7.19 40.48
CA SER A 243 -1.75 6.82 40.03
C SER A 243 -2.29 7.80 39.01
N PRO A 244 -2.80 7.25 37.90
CA PRO A 244 -3.38 8.12 36.88
C PRO A 244 -4.61 8.83 37.43
N ILE A 245 -5.21 8.30 38.50
CA ILE A 245 -6.34 8.99 39.11
C ILE A 245 -5.89 10.27 39.78
N VAL A 246 -4.71 10.27 40.41
CA VAL A 246 -4.16 11.49 40.99
C VAL A 246 -3.83 12.49 39.90
N LYS A 247 -3.20 12.03 38.82
CA LYS A 247 -2.86 12.94 37.72
C LYS A 247 -4.11 13.51 37.07
N PHE A 248 -5.19 12.73 37.03
CA PHE A 248 -6.45 13.22 36.47
C PHE A 248 -6.99 14.38 37.32
N ASN A 249 -6.99 14.22 38.64
CA ASN A 249 -7.62 15.21 39.51
C ASN A 249 -6.73 16.42 39.76
N GLU A 250 -5.42 16.26 39.73
CA GLU A 250 -4.51 17.31 40.17
C GLU A 250 -3.66 17.92 39.05
N LYS A 251 -3.54 17.26 37.90
CA LYS A 251 -2.69 17.76 36.84
C LYS A 251 -3.41 17.91 35.50
N THR A 252 -4.74 17.95 35.51
CA THR A 252 -5.49 18.18 34.29
C THR A 252 -5.54 19.67 34.00
N PRO A 253 -5.09 20.13 32.83
CA PRO A 253 -5.11 21.57 32.55
C PRO A 253 -6.53 22.10 32.40
N GLN A 254 -6.63 23.44 32.42
CA GLN A 254 -7.93 24.09 32.47
C GLN A 254 -8.74 23.81 31.21
N PHE A 255 -8.09 23.81 30.04
CA PHE A 255 -8.84 23.65 28.79
C PHE A 255 -9.43 22.26 28.65
N ILE A 256 -8.89 21.26 29.35
CA ILE A 256 -9.49 19.93 29.29
C ILE A 256 -10.66 19.82 30.26
N TRP A 257 -10.60 20.52 31.39
CA TRP A 257 -11.79 20.61 32.25
C TRP A 257 -12.94 21.25 31.50
N ASP A 258 -12.65 22.28 30.70
CA ASP A 258 -13.71 22.92 29.91
C ASP A 258 -14.28 21.96 28.86
N ILE A 259 -13.46 21.07 28.33
CA ILE A 259 -13.96 20.06 27.39
C ILE A 259 -14.83 19.05 28.11
N LEU A 260 -14.35 18.55 29.25
CA LEU A 260 -15.12 17.58 30.02
C LEU A 260 -16.44 18.16 30.50
N ASN A 261 -16.41 19.40 31.00
CA ASN A 261 -17.63 20.05 31.48
C ASN A 261 -18.59 20.41 30.35
N ALA A 262 -18.19 20.24 29.09
CA ALA A 262 -19.07 20.52 27.97
C ALA A 262 -20.06 19.39 27.72
N PHE A 263 -19.77 18.18 28.20
CA PHE A 263 -20.70 17.08 28.05
C PHE A 263 -21.91 17.29 28.96
N PRO A 264 -23.06 16.72 28.61
CA PRO A 264 -24.23 16.80 29.50
C PRO A 264 -23.94 16.10 30.82
N GLU A 265 -24.79 16.38 31.81
CA GLU A 265 -24.53 15.92 33.18
C GLU A 265 -24.46 14.40 33.26
N GLY A 266 -25.38 13.72 32.59
CA GLY A 266 -25.38 12.26 32.61
C GLY A 266 -24.34 11.60 31.74
N LYS A 267 -23.45 12.40 31.13
CA LYS A 267 -22.42 11.86 30.24
C LYS A 267 -21.02 12.32 30.63
N LYS A 268 -20.85 12.95 31.80
CA LYS A 268 -19.55 13.47 32.18
C LYS A 268 -18.70 12.39 32.83
N LEU A 269 -17.40 12.39 32.49
CA LEU A 269 -16.44 11.51 33.14
C LEU A 269 -16.03 12.02 34.51
N ASN A 270 -16.34 13.27 34.83
CA ASN A 270 -15.92 13.90 36.07
C ASN A 270 -17.11 14.17 36.97
N ASP A 271 -16.90 14.03 38.28
CA ASP A 271 -17.85 14.46 39.29
C ASP A 271 -17.28 15.72 39.92
N GLY A 272 -17.70 16.87 39.40
CA GLY A 272 -17.07 18.11 39.81
C GLY A 272 -15.68 18.21 39.21
N GLN A 273 -14.69 18.50 40.05
CA GLN A 273 -13.30 18.56 39.63
C GLN A 273 -12.53 17.30 40.04
N LYS A 274 -13.19 16.16 40.08
CA LYS A 274 -12.55 14.87 40.34
C LYS A 274 -13.04 13.86 39.32
N LEU A 275 -12.35 12.71 39.28
CA LEU A 275 -12.81 11.60 38.47
C LEU A 275 -14.05 10.98 39.11
N TRP A 276 -15.04 10.65 38.28
CA TRP A 276 -16.25 10.01 38.77
C TRP A 276 -16.00 8.52 38.97
N ILE A 277 -16.01 8.07 40.21
CA ILE A 277 -15.90 6.66 40.55
C ILE A 277 -17.31 6.15 40.87
N PRO A 278 -17.82 5.15 40.16
CA PRO A 278 -19.19 4.70 40.39
C PRO A 278 -19.37 4.09 41.78
N ASP A 279 -20.57 4.25 42.31
CA ASP A 279 -20.95 3.65 43.59
C ASP A 279 -21.39 2.20 43.36
N ASP A 280 -21.71 1.50 44.45
CA ASP A 280 -22.20 0.13 44.35
C ASP A 280 -23.63 0.06 43.87
N LYS A 281 -24.40 1.15 43.98
CA LYS A 281 -25.74 1.19 43.42
C LYS A 281 -25.74 1.37 41.91
N ILE A 282 -24.58 1.64 41.32
CA ILE A 282 -24.48 1.85 39.87
C ILE A 282 -24.51 0.50 39.18
N THR A 283 -25.52 0.29 38.34
CA THR A 283 -25.65 -0.94 37.58
C THR A 283 -24.78 -0.88 36.32
N ASN A 284 -24.71 -2.01 35.61
CA ASN A 284 -23.98 -2.04 34.35
C ASN A 284 -24.58 -1.06 33.34
N ASP A 285 -25.90 -0.91 33.35
CA ASP A 285 -26.56 0.02 32.44
C ASP A 285 -26.21 1.46 32.78
N ASN A 286 -26.14 1.79 34.08
CA ASN A 286 -25.82 3.15 34.48
C ASN A 286 -24.40 3.54 34.08
N LEU A 287 -23.44 2.62 34.28
CA LEU A 287 -22.06 2.92 33.94
C LEU A 287 -21.90 3.12 32.43
N SER A 288 -22.50 2.23 31.64
CA SER A 288 -22.39 2.35 30.18
C SER A 288 -23.07 3.60 29.66
N SER A 289 -24.22 3.96 30.24
CA SER A 289 -24.93 5.14 29.77
C SER A 289 -24.13 6.42 30.03
N ARG A 290 -23.27 6.43 31.06
CA ARG A 290 -22.58 7.65 31.43
C ARG A 290 -21.25 7.84 30.69
N VAL A 291 -20.48 6.78 30.50
CA VAL A 291 -19.10 6.92 30.06
C VAL A 291 -18.82 6.27 28.71
N LYS A 292 -19.64 5.33 28.23
CA LYS A 292 -19.29 4.58 27.03
C LYS A 292 -19.16 5.50 25.81
N ASP A 293 -20.21 6.26 25.51
CA ASP A 293 -20.17 7.13 24.34
C ASP A 293 -19.20 8.29 24.53
N THR A 294 -19.06 8.79 25.76
CA THR A 294 -18.14 9.90 26.00
C THR A 294 -16.70 9.47 25.80
N VAL A 295 -16.35 8.26 26.23
CA VAL A 295 -14.97 7.80 26.12
C VAL A 295 -14.61 7.51 24.67
N GLU A 296 -15.49 6.80 23.96
CA GLU A 296 -15.22 6.48 22.56
C GLU A 296 -15.07 7.73 21.72
N PHE A 297 -15.85 8.77 22.03
CA PHE A 297 -15.74 10.02 21.28
C PHE A 297 -14.44 10.74 21.60
N LEU A 298 -14.09 10.83 22.88
CA LEU A 298 -12.85 11.49 23.27
C LEU A 298 -11.62 10.66 22.94
N ASN A 299 -11.79 9.36 22.73
CA ASN A 299 -10.65 8.49 22.43
C ASN A 299 -10.08 8.69 21.04
N GLY A 300 -10.83 9.37 20.17
CA GLY A 300 -10.34 9.62 18.83
C GLY A 300 -11.44 10.03 17.86
N LYS A 301 -12.63 9.50 18.03
CA LYS A 301 -13.68 9.81 17.07
C LYS A 301 -13.92 11.29 16.95
N TRP A 302 -13.62 12.04 18.00
CA TRP A 302 -13.76 13.48 17.92
C TRP A 302 -12.91 14.07 16.81
N PHE A 303 -11.73 13.50 16.56
CA PHE A 303 -10.82 14.06 15.58
C PHE A 303 -11.37 13.91 14.17
N GLU A 304 -12.10 12.84 13.90
CA GLU A 304 -12.74 12.69 12.60
C GLU A 304 -13.72 13.81 12.34
N TRP A 305 -14.56 14.13 13.33
CA TRP A 305 -15.53 15.19 13.15
C TRP A 305 -14.87 16.56 13.03
N TYR A 306 -13.83 16.80 13.84
CA TYR A 306 -13.16 18.10 13.80
C TYR A 306 -12.59 18.38 12.42
N VAL A 307 -11.79 17.46 11.89
CA VAL A 307 -11.20 17.65 10.57
C VAL A 307 -12.28 17.83 9.52
N TYR A 308 -13.35 17.05 9.62
CA TYR A 308 -14.43 17.14 8.64
C TYR A 308 -15.14 18.49 8.71
N SER A 309 -15.31 19.03 9.92
CA SER A 309 -15.97 20.31 10.05
C SER A 309 -15.09 21.47 9.60
N GLN A 310 -13.77 21.30 9.61
CA GLN A 310 -12.88 22.37 9.20
C GLN A 310 -12.77 22.52 7.69
N ILE A 311 -13.23 21.54 6.93
CA ILE A 311 -13.16 21.60 5.47
C ILE A 311 -14.53 21.67 4.81
N LYS A 312 -15.62 21.44 5.55
CA LYS A 312 -16.94 21.38 4.94
C LYS A 312 -17.30 22.70 4.27
N SER A 313 -17.14 23.81 4.99
CA SER A 313 -17.50 25.12 4.42
C SER A 313 -16.61 25.48 3.25
N GLU A 314 -15.35 25.07 3.28
CA GLU A 314 -14.43 25.38 2.17
C GLU A 314 -14.74 24.55 0.94
N LEU A 315 -15.36 23.38 1.09
CA LEU A 315 -15.73 22.58 -0.07
C LEU A 315 -17.06 23.05 -0.67
N LEU A 316 -17.98 23.55 0.16
CA LEU A 316 -19.20 24.13 -0.38
C LEU A 316 -18.94 25.45 -1.09
N ASP A 317 -17.93 26.20 -0.64
CA ASP A 317 -17.55 27.42 -1.35
C ASP A 317 -17.08 27.11 -2.76
N ARG A 318 -16.45 25.96 -2.97
CA ARG A 318 -16.03 25.51 -4.28
C ARG A 318 -17.11 24.72 -5.00
N LYS A 319 -18.37 24.86 -4.57
CA LYS A 319 -19.55 24.29 -5.23
C LYS A 319 -19.52 22.77 -5.27
N LEU A 320 -18.77 22.13 -4.37
CA LEU A 320 -18.81 20.67 -4.30
C LEU A 320 -20.05 20.26 -3.54
N LYS A 321 -20.63 19.13 -3.91
CA LYS A 321 -21.86 18.67 -3.26
C LYS A 321 -21.60 17.55 -2.28
N GLU A 322 -22.09 17.70 -1.05
CA GLU A 322 -21.91 16.66 -0.05
C GLU A 322 -22.70 15.42 -0.42
N GLY A 323 -22.12 14.26 -0.16
CA GLY A 323 -22.77 13.02 -0.51
C GLY A 323 -22.42 12.60 -1.92
N GLU A 324 -21.88 13.53 -2.70
CA GLU A 324 -21.47 13.23 -4.05
C GLU A 324 -19.97 13.40 -4.22
N HIS A 325 -19.44 14.51 -3.72
CA HIS A 325 -18.02 14.79 -3.89
C HIS A 325 -17.24 14.77 -2.57
N PHE A 326 -17.94 14.65 -1.46
CA PHE A 326 -17.26 14.53 -0.18
C PHE A 326 -18.16 13.96 0.91
N GLY A 327 -17.56 13.35 1.91
CA GLY A 327 -18.33 12.75 2.97
C GLY A 327 -17.50 12.13 4.05
N ILE A 328 -18.15 11.58 5.06
CA ILE A 328 -17.45 10.97 6.18
C ILE A 328 -17.88 9.54 6.37
N SER A 329 -16.98 8.73 6.91
CA SER A 329 -17.31 7.33 7.18
C SER A 329 -17.76 6.57 5.95
N LEU A 330 -16.92 6.56 4.92
CA LEU A 330 -17.23 5.83 3.70
C LEU A 330 -16.96 4.37 3.89
N LYS A 331 -17.90 3.55 3.44
CA LYS A 331 -17.72 2.12 3.52
C LYS A 331 -18.30 1.47 2.29
N ALA A 332 -17.61 0.45 1.79
CA ALA A 332 -18.09 -0.28 0.63
C ALA A 332 -17.36 -1.59 0.54
N GLN A 333 -17.69 -2.38 -0.47
CA GLN A 333 -17.09 -3.69 -0.60
C GLN A 333 -17.14 -4.23 -1.98
N LYS A 334 -16.38 -5.27 -2.24
CA LYS A 334 -16.49 -5.94 -3.52
C LYS A 334 -17.41 -7.12 -3.29
N LYS A 335 -17.90 -7.71 -4.38
CA LYS A 335 -18.83 -8.81 -4.25
C LYS A 335 -18.31 -9.91 -3.34
N ASP A 336 -19.11 -10.27 -2.35
CA ASP A 336 -18.73 -11.35 -1.45
C ASP A 336 -17.35 -11.13 -0.90
N SER A 337 -17.01 -9.87 -0.63
CA SER A 337 -15.69 -9.55 -0.15
C SER A 337 -15.78 -8.63 1.05
N PRO A 338 -14.77 -8.67 1.92
CA PRO A 338 -14.78 -7.85 3.13
C PRO A 338 -14.90 -6.34 2.83
N TYR A 339 -15.56 -5.62 3.73
CA TYR A 339 -15.75 -4.18 3.56
C TYR A 339 -14.55 -3.36 3.96
N PHE A 340 -14.47 -2.13 3.47
CA PHE A 340 -13.39 -1.25 3.85
C PHE A 340 -13.97 -0.02 4.52
N GLU A 341 -13.16 0.68 5.29
CA GLU A 341 -13.62 1.90 5.94
C GLU A 341 -12.65 3.04 5.73
N LEU A 342 -13.12 4.14 5.18
CA LEU A 342 -12.29 5.32 4.97
C LEU A 342 -12.89 6.48 5.73
N ASP A 343 -12.09 7.15 6.54
CA ASP A 343 -12.61 8.22 7.39
C ASP A 343 -13.23 9.38 6.61
N ILE A 344 -12.53 9.89 5.62
CA ILE A 344 -13.05 11.00 4.85
C ILE A 344 -12.70 10.85 3.38
N PHE A 345 -13.62 11.22 2.51
CA PHE A 345 -13.35 11.17 1.10
C PHE A 345 -13.66 12.51 0.48
N LEU A 346 -12.89 12.88 -0.53
CA LEU A 346 -13.12 14.12 -1.22
C LEU A 346 -12.79 13.89 -2.68
N ILE A 347 -13.56 14.50 -3.57
CA ILE A 347 -13.32 14.35 -4.99
C ILE A 347 -13.14 15.69 -5.66
N ASN A 348 -11.93 15.95 -6.14
CA ASN A 348 -11.63 17.21 -6.83
C ASN A 348 -11.62 16.93 -8.32
N GLY A 349 -12.68 17.36 -9.01
CA GLY A 349 -12.84 17.05 -10.42
C GLY A 349 -13.15 15.58 -10.61
N TYR A 350 -12.12 14.79 -10.96
CA TYR A 350 -12.28 13.35 -10.97
C TYR A 350 -11.11 12.64 -10.30
N GLN A 351 -10.37 13.31 -9.43
CA GLN A 351 -9.33 12.68 -8.63
C GLN A 351 -9.87 12.43 -7.23
N LEU A 352 -9.77 11.18 -6.79
CA LEU A 352 -10.20 10.83 -5.44
C LEU A 352 -9.13 11.23 -4.43
N ILE A 353 -9.57 11.86 -3.34
CA ILE A 353 -8.70 12.19 -2.21
C ILE A 353 -9.25 11.46 -0.99
N GLY A 354 -8.55 10.43 -0.56
CA GLY A 354 -8.90 9.70 0.65
C GLY A 354 -8.07 10.19 1.82
N ILE A 355 -8.73 10.39 2.95
CA ILE A 355 -8.10 10.98 4.13
C ILE A 355 -8.29 10.02 5.30
N SER A 356 -7.18 9.53 5.84
CA SER A 356 -7.18 8.70 7.03
C SER A 356 -6.72 9.54 8.22
N LEU A 357 -7.42 9.38 9.35
CA LEU A 357 -7.23 10.24 10.51
C LEU A 357 -6.81 9.40 11.71
N THR A 358 -5.89 9.94 12.51
CA THR A 358 -5.49 9.32 13.76
C THR A 358 -4.85 10.37 14.65
N THR A 359 -5.14 10.29 15.95
CA THR A 359 -4.48 11.13 16.94
C THR A 359 -3.16 10.55 17.41
N SER A 360 -2.75 9.41 16.86
CA SER A 360 -1.54 8.74 17.32
C SER A 360 -0.29 9.54 16.98
N SER A 361 0.69 9.50 17.87
CA SER A 361 2.00 10.10 17.66
C SER A 361 3.09 9.05 17.53
N THR A 362 2.72 7.77 17.45
CA THR A 362 3.69 6.69 17.35
C THR A 362 4.07 6.44 15.90
N ARG A 363 5.37 6.27 15.65
CA ARG A 363 5.86 6.08 14.29
C ARG A 363 5.30 4.81 13.67
N ARG A 364 5.31 3.70 14.42
CA ARG A 364 4.94 2.41 13.85
C ARG A 364 3.48 2.35 13.48
N LEU A 365 2.59 2.85 14.34
CA LEU A 365 1.16 2.79 14.06
C LEU A 365 0.80 3.73 12.91
N CYS A 366 1.34 4.95 12.91
CA CYS A 366 1.05 5.88 11.81
C CYS A 366 1.56 5.34 10.48
N LYS A 367 2.69 4.63 10.49
CA LYS A 367 3.20 4.07 9.25
C LYS A 367 2.27 3.00 8.68
N LEU A 368 1.70 2.17 9.56
CA LEU A 368 0.78 1.14 9.09
C LEU A 368 -0.50 1.75 8.55
N LYS A 369 -1.02 2.81 9.19
CA LYS A 369 -2.15 3.53 8.65
C LYS A 369 -1.81 4.23 7.34
N GLY A 370 -0.53 4.54 7.12
CA GLY A 370 -0.13 5.13 5.85
C GLY A 370 -0.24 4.14 4.72
N PHE A 371 0.25 2.91 4.93
CA PHE A 371 0.09 1.85 3.92
C PHE A 371 -1.38 1.61 3.61
N GLU A 372 -2.24 1.69 4.63
CA GLU A 372 -3.65 1.35 4.45
C GLU A 372 -4.34 2.34 3.51
N VAL A 373 -4.20 3.64 3.78
CA VAL A 373 -4.91 4.63 2.99
C VAL A 373 -4.35 4.70 1.57
N ILE A 374 -3.06 4.38 1.40
CA ILE A 374 -2.48 4.33 0.06
C ILE A 374 -3.15 3.23 -0.77
N HIS A 375 -3.28 2.04 -0.18
CA HIS A 375 -3.85 0.92 -0.92
C HIS A 375 -5.34 1.12 -1.18
N ARG A 376 -6.06 1.69 -0.20
CA ARG A 376 -7.51 1.82 -0.33
C ARG A 376 -7.90 2.78 -1.46
N VAL A 377 -7.27 3.96 -1.51
CA VAL A 377 -7.61 4.91 -2.56
C VAL A 377 -7.18 4.38 -3.92
N ARG A 378 -6.17 3.51 -3.95
CA ARG A 378 -5.81 2.85 -5.20
C ARG A 378 -6.87 1.83 -5.62
N GLN A 379 -7.43 1.10 -4.65
CA GLN A 379 -8.44 0.09 -4.97
C GLN A 379 -9.72 0.73 -5.47
N ILE A 380 -10.18 1.79 -4.82
CA ILE A 380 -11.51 2.33 -5.08
C ILE A 380 -11.51 3.54 -6.00
N GLY A 381 -10.35 4.14 -6.25
CA GLY A 381 -10.31 5.34 -7.06
C GLY A 381 -9.35 5.29 -8.24
N GLY A 382 -8.58 4.22 -8.33
CA GLY A 382 -7.63 4.06 -9.42
C GLY A 382 -6.21 4.40 -9.01
N ASP A 383 -5.32 4.32 -10.01
CA ASP A 383 -3.88 4.47 -9.78
C ASP A 383 -3.43 5.92 -9.62
N GLU A 384 -4.27 6.89 -9.95
CA GLU A 384 -3.88 8.29 -9.87
C GLU A 384 -4.60 9.04 -8.74
N SER A 385 -5.10 8.31 -7.75
CA SER A 385 -5.76 8.93 -6.61
C SER A 385 -4.74 9.43 -5.60
N LYS A 386 -5.18 10.33 -4.72
CA LYS A 386 -4.34 10.91 -3.69
C LYS A 386 -4.76 10.40 -2.32
N ALA A 387 -3.78 10.09 -1.48
CA ALA A 387 -4.01 9.63 -0.12
C ALA A 387 -3.39 10.61 0.85
N ILE A 388 -4.17 11.01 1.86
CA ILE A 388 -3.71 11.94 2.88
C ILE A 388 -3.84 11.26 4.24
N LEU A 389 -2.78 11.28 5.02
CA LEU A 389 -2.75 10.71 6.36
C LEU A 389 -2.51 11.83 7.36
N ILE A 390 -3.51 12.10 8.20
CA ILE A 390 -3.41 13.13 9.23
C ILE A 390 -3.15 12.45 10.56
N THR A 391 -2.00 12.74 11.17
CA THR A 391 -1.54 12.11 12.39
C THR A 391 -1.37 13.15 13.50
N GLY A 392 -0.89 12.69 14.64
CA GLY A 392 -0.49 13.53 15.74
C GLY A 392 1.01 13.63 15.94
N MET A 393 1.79 13.13 14.99
CA MET A 393 3.24 13.19 15.09
C MET A 393 3.74 14.62 14.88
N ASP A 394 4.94 14.88 15.39
CA ASP A 394 5.57 16.17 15.19
C ASP A 394 5.99 16.31 13.72
N LYS A 395 6.53 17.48 13.37
CA LYS A 395 6.78 17.78 11.97
C LYS A 395 7.84 16.85 11.38
N SER A 396 8.90 16.57 12.13
CA SER A 396 9.99 15.75 11.59
C SER A 396 9.54 14.32 11.32
N LYS A 397 8.63 13.79 12.13
CA LYS A 397 8.15 12.43 11.90
C LYS A 397 7.22 12.35 10.70
N THR A 398 6.48 13.42 10.41
CA THR A 398 5.60 13.40 9.25
C THR A 398 6.41 13.50 7.95
N GLU A 399 7.48 14.28 7.96
CA GLU A 399 8.33 14.39 6.78
C GLU A 399 9.04 13.07 6.49
N ASP A 400 9.47 12.37 7.54
CA ASP A 400 10.10 11.06 7.34
C ASP A 400 9.10 10.08 6.74
N LEU A 401 7.91 10.00 7.33
CA LEU A 401 6.91 9.05 6.85
C LEU A 401 6.47 9.37 5.43
N GLN A 402 6.45 10.65 5.06
CA GLN A 402 6.10 11.03 3.69
C GLN A 402 7.11 10.49 2.70
N LYS A 403 8.40 10.72 2.95
CA LYS A 403 9.44 10.17 2.10
C LYS A 403 9.58 8.66 2.28
N ASP A 404 9.12 8.12 3.41
CA ASP A 404 9.21 6.68 3.64
C ASP A 404 8.32 5.90 2.69
N LEU A 405 7.08 6.36 2.49
CA LEU A 405 6.10 5.61 1.72
C LEU A 405 5.88 6.19 0.33
N ALA A 406 6.69 7.17 -0.09
CA ALA A 406 6.54 7.75 -1.41
C ALA A 406 6.88 6.74 -2.49
N TYR A 407 6.01 6.61 -3.48
CA TYR A 407 6.22 5.74 -4.63
C TYR A 407 6.25 6.58 -5.89
N GLU A 408 7.24 6.31 -6.75
CA GLU A 408 7.46 7.11 -7.95
C GLU A 408 6.59 6.58 -9.08
N THR A 409 5.62 7.39 -9.50
CA THR A 409 4.77 7.06 -10.65
C THR A 409 4.93 8.01 -11.82
N GLY A 410 5.80 9.01 -11.71
CA GLY A 410 6.08 9.91 -12.81
C GLY A 410 5.65 11.35 -12.60
N SER A 411 4.96 11.64 -11.50
CA SER A 411 4.49 12.99 -11.21
C SER A 411 5.39 13.68 -10.19
N THR A 412 5.44 15.00 -10.28
CA THR A 412 6.14 15.79 -9.26
C THR A 412 5.26 16.05 -8.04
N GLN A 413 3.94 16.01 -8.19
CA GLN A 413 3.03 16.18 -7.07
C GLN A 413 2.94 14.87 -6.28
N LYS A 414 3.13 14.96 -4.97
CA LYS A 414 3.05 13.79 -4.13
C LYS A 414 1.62 13.28 -4.04
N ARG A 415 1.47 11.96 -4.15
CA ARG A 415 0.17 11.32 -4.00
C ARG A 415 -0.05 10.77 -2.61
N PHE A 416 0.95 10.87 -1.73
CA PHE A 416 0.82 10.49 -0.33
C PHE A 416 1.28 11.68 0.52
N VAL A 417 0.34 12.30 1.22
CA VAL A 417 0.62 13.48 2.03
C VAL A 417 0.35 13.14 3.49
N VAL A 418 1.24 13.59 4.38
CA VAL A 418 1.13 13.33 5.80
C VAL A 418 1.11 14.66 6.54
N PHE A 419 0.09 14.86 7.37
CA PHE A 419 -0.01 16.01 8.24
C PHE A 419 0.14 15.58 9.69
N GLY A 420 0.64 16.48 10.53
CA GLY A 420 0.93 16.16 11.90
C GLY A 420 0.27 17.07 12.92
N ILE A 421 0.76 17.02 14.17
CA ILE A 421 0.14 17.78 15.25
C ILE A 421 0.23 19.27 15.01
N ASP A 422 1.27 19.73 14.30
CA ASP A 422 1.43 21.16 14.05
C ASP A 422 0.41 21.69 13.05
N ASP A 423 -0.28 20.80 12.32
CA ASP A 423 -1.21 21.22 11.28
C ASP A 423 -2.67 21.23 11.75
N TRP A 424 -2.95 20.80 12.98
CA TRP A 424 -4.34 20.62 13.39
C TRP A 424 -5.09 21.95 13.46
N ALA A 425 -4.43 23.00 13.96
CA ALA A 425 -5.12 24.27 14.17
C ALA A 425 -5.65 24.87 12.88
N ASP A 426 -4.98 24.62 11.76
CA ASP A 426 -5.41 25.12 10.46
C ASP A 426 -5.48 23.99 9.44
N ILE A 427 -5.97 22.82 9.88
CA ILE A 427 -6.02 21.66 9.00
C ILE A 427 -6.98 21.88 7.84
N GLY A 428 -7.97 22.77 8.00
CA GLY A 428 -8.86 23.06 6.89
C GLY A 428 -8.14 23.71 5.72
N SER A 429 -7.29 24.69 6.01
CA SER A 429 -6.54 25.34 4.94
C SER A 429 -5.42 24.47 4.42
N LYS A 430 -4.81 23.66 5.29
CA LYS A 430 -3.74 22.77 4.85
C LYS A 430 -4.24 21.72 3.87
N ILE A 431 -5.48 21.23 4.05
CA ILE A 431 -6.05 20.29 3.11
C ILE A 431 -6.51 21.00 1.85
N CYS A 432 -7.17 22.15 2.00
CA CYS A 432 -7.68 22.88 0.84
C CYS A 432 -6.54 23.26 -0.12
N GLU A 433 -5.42 23.73 0.42
CA GLU A 433 -4.29 24.09 -0.44
C GLU A 433 -3.66 22.85 -1.05
N GLU A 434 -3.56 21.76 -0.29
CA GLU A 434 -2.95 20.53 -0.81
C GLU A 434 -3.81 19.90 -1.90
N VAL A 435 -5.13 19.97 -1.77
CA VAL A 435 -6.03 19.28 -2.69
C VAL A 435 -6.31 20.09 -3.95
N PHE A 436 -6.43 21.41 -3.84
CA PHE A 436 -6.90 22.22 -4.96
C PHE A 436 -5.81 23.05 -5.62
N LYS A 437 -4.77 23.44 -4.91
CA LYS A 437 -3.71 24.25 -5.50
C LYS A 437 -2.59 23.37 -6.06
N MET B 1 30.90 -1.38 -39.26
CA MET B 1 30.28 -0.16 -39.80
C MET B 1 28.77 -0.32 -39.93
N ASN B 2 28.29 -1.56 -39.87
CA ASN B 2 26.84 -1.78 -39.91
C ASN B 2 26.29 -1.68 -38.51
N GLU B 3 26.06 -0.46 -38.05
CA GLU B 3 25.62 -0.26 -36.68
C GLU B 3 24.21 -0.73 -36.40
N LYS B 4 24.02 -1.41 -35.29
CA LYS B 4 22.69 -1.86 -34.90
C LYS B 4 22.32 -1.24 -33.57
N VAL B 5 21.16 -0.60 -33.49
CA VAL B 5 20.79 0.10 -32.27
C VAL B 5 19.55 -0.45 -31.59
N LEU B 6 19.58 -0.50 -30.27
CA LEU B 6 18.42 -0.94 -29.53
C LEU B 6 17.84 0.27 -28.84
N VAL B 7 16.55 0.50 -29.03
CA VAL B 7 15.90 1.62 -28.39
C VAL B 7 14.99 1.17 -27.26
N LEU B 8 15.15 1.76 -26.09
CA LEU B 8 14.33 1.40 -24.95
C LEU B 8 13.64 2.64 -24.41
N ILE B 9 12.43 2.47 -23.92
CA ILE B 9 11.68 3.60 -23.40
C ILE B 9 11.71 3.55 -21.89
N VAL B 10 12.30 4.56 -21.27
CA VAL B 10 12.46 4.54 -19.83
C VAL B 10 11.29 5.14 -19.07
N GLY B 11 10.49 4.29 -18.46
CA GLY B 11 9.40 4.77 -17.65
C GLY B 11 9.78 4.71 -16.18
N THR B 12 8.79 4.53 -15.32
CA THR B 12 9.03 4.49 -13.88
C THR B 12 9.30 3.08 -13.38
N ASN B 13 9.20 2.10 -14.28
CA ASN B 13 9.51 0.73 -13.91
C ASN B 13 10.76 0.27 -14.64
N PRO B 14 11.92 0.38 -13.98
CA PRO B 14 13.19 0.03 -14.63
C PRO B 14 13.37 -1.45 -14.92
N LEU B 15 12.73 -2.34 -14.18
CA LEU B 15 12.97 -3.78 -14.34
C LEU B 15 12.78 -4.32 -15.76
N PRO B 16 11.65 -4.02 -16.38
CA PRO B 16 11.46 -4.61 -17.71
C PRO B 16 12.57 -4.23 -18.68
N ASN B 17 13.06 -3.00 -18.60
CA ASN B 17 14.11 -2.54 -19.49
C ASN B 17 15.41 -3.26 -19.19
N TYR B 18 15.65 -3.56 -17.92
CA TYR B 18 16.85 -4.32 -17.56
C TYR B 18 16.80 -5.72 -18.14
N VAL B 19 15.66 -6.36 -18.05
CA VAL B 19 15.53 -7.73 -18.53
C VAL B 19 15.75 -7.78 -20.03
N VAL B 20 15.12 -6.86 -20.75
CA VAL B 20 15.23 -6.85 -22.20
C VAL B 20 16.65 -6.54 -22.61
N GLY B 21 17.26 -5.59 -21.94
CA GLY B 21 18.63 -5.23 -22.25
C GLY B 21 19.62 -6.33 -21.97
N SER B 22 19.43 -7.03 -20.88
CA SER B 22 20.32 -8.12 -20.53
C SER B 22 20.26 -9.19 -21.60
N HIS B 23 19.07 -9.43 -22.12
CA HIS B 23 18.90 -10.47 -23.13
C HIS B 23 19.38 -10.07 -24.51
N LEU B 24 19.35 -8.79 -24.84
CA LEU B 24 19.68 -8.37 -26.19
C LEU B 24 20.94 -7.54 -26.37
N LYS B 25 21.59 -7.15 -25.29
CA LYS B 25 22.75 -6.26 -25.40
C LYS B 25 23.86 -6.81 -26.29
N GLU B 26 24.08 -8.11 -26.27
CA GLU B 26 25.17 -8.70 -27.04
C GLU B 26 24.98 -8.54 -28.53
N LYS B 27 23.74 -8.36 -28.98
CA LYS B 27 23.49 -8.27 -30.40
C LYS B 27 23.40 -6.85 -30.93
N TYR B 28 23.74 -5.86 -30.12
CA TYR B 28 23.58 -4.49 -30.58
C TYR B 28 24.79 -3.62 -30.31
N ASP B 29 25.01 -2.62 -31.15
CA ASP B 29 26.18 -1.78 -31.03
C ASP B 29 25.91 -0.49 -30.29
N LYS B 30 24.69 0.02 -30.43
CA LYS B 30 24.32 1.27 -29.77
C LYS B 30 23.01 1.13 -29.04
N PHE B 31 22.85 1.91 -27.99
CA PHE B 31 21.64 1.84 -27.21
C PHE B 31 21.10 3.23 -26.97
N VAL B 32 19.87 3.48 -27.37
CA VAL B 32 19.27 4.78 -27.14
C VAL B 32 18.22 4.67 -26.04
N LEU B 33 18.45 5.38 -24.95
CA LEU B 33 17.51 5.34 -23.84
C LEU B 33 16.68 6.60 -23.81
N ILE B 34 15.42 6.49 -24.20
CA ILE B 34 14.55 7.66 -24.24
C ILE B 34 13.91 7.88 -22.90
N TYR B 35 14.13 9.05 -22.31
CA TYR B 35 13.63 9.32 -20.98
C TYR B 35 12.91 10.63 -20.83
N SER B 36 12.34 10.87 -19.66
CA SER B 36 11.58 12.08 -19.42
C SER B 36 12.35 13.15 -18.71
N GLU B 37 12.11 14.39 -19.10
CA GLU B 37 12.74 15.51 -18.41
C GLU B 37 11.80 15.91 -17.28
N LYS B 38 12.26 16.79 -16.40
CA LYS B 38 11.45 17.20 -15.28
C LYS B 38 10.82 18.56 -15.47
N ASN B 39 9.50 18.62 -15.46
CA ASN B 39 8.80 19.89 -15.55
C ASN B 39 7.70 19.90 -14.50
N ASP B 40 7.96 20.54 -13.37
CA ASP B 40 7.00 20.57 -12.29
C ASP B 40 5.74 21.31 -12.68
N LYS B 41 5.83 22.18 -13.67
CA LYS B 41 4.68 22.97 -14.10
C LYS B 41 3.67 22.10 -14.82
N ILE B 42 4.09 20.95 -15.31
CA ILE B 42 3.17 20.02 -15.95
C ILE B 42 3.08 18.76 -15.12
N ASN B 43 3.52 18.83 -13.86
CA ASN B 43 3.48 17.67 -12.96
C ASN B 43 4.21 16.48 -13.56
N GLN B 44 5.36 16.73 -14.18
CA GLN B 44 6.13 15.67 -14.81
C GLN B 44 7.51 15.52 -14.21
N ASN B 45 7.77 14.36 -13.62
CA ASN B 45 9.09 14.11 -13.06
C ASN B 45 9.95 13.44 -14.10
N SER B 46 11.24 13.34 -13.82
CA SER B 46 12.16 12.72 -14.76
C SER B 46 12.44 11.26 -14.47
N THR B 47 12.74 10.49 -15.51
CA THR B 47 13.08 9.07 -15.35
C THR B 47 14.56 8.92 -15.63
N TYR B 48 15.29 10.02 -15.66
CA TYR B 48 16.71 9.98 -15.98
C TYR B 48 17.50 9.11 -15.04
N ASP B 49 17.18 9.18 -13.76
CA ASP B 49 17.87 8.38 -12.77
C ASP B 49 17.73 6.90 -13.09
N TYR B 50 16.56 6.50 -13.58
CA TYR B 50 16.36 5.11 -13.97
C TYR B 50 17.22 4.79 -15.17
N ALA B 51 17.27 5.70 -16.12
CA ALA B 51 18.08 5.49 -17.30
C ALA B 51 19.55 5.37 -16.94
N LYS B 52 20.00 6.17 -15.99
CA LYS B 52 21.38 6.10 -15.55
C LYS B 52 21.68 4.74 -14.93
N LYS B 53 20.76 4.25 -14.12
CA LYS B 53 20.97 2.98 -13.47
C LYS B 53 20.96 1.86 -14.49
N LEU B 54 20.12 1.99 -15.49
CA LEU B 54 20.06 0.97 -16.53
C LEU B 54 21.38 0.92 -17.30
N LYS B 55 21.96 2.08 -17.58
CA LYS B 55 23.23 2.12 -18.26
C LYS B 55 24.32 1.52 -17.39
N GLU B 56 24.29 1.83 -16.11
CA GLU B 56 25.31 1.35 -15.19
C GLU B 56 25.27 -0.14 -14.98
N HIS B 57 24.09 -0.68 -14.72
CA HIS B 57 24.00 -2.11 -14.40
C HIS B 57 23.93 -2.97 -15.65
N LEU B 58 23.88 -2.34 -16.81
CA LEU B 58 23.92 -3.11 -18.05
C LEU B 58 25.26 -2.85 -18.74
N ASN B 59 26.10 -2.04 -18.11
CA ASN B 59 27.44 -1.75 -18.65
C ASN B 59 27.41 -1.30 -20.10
N LEU B 60 26.51 -0.37 -20.40
CA LEU B 60 26.41 0.15 -21.76
C LEU B 60 27.59 1.05 -22.07
N ASN B 61 27.98 1.87 -21.10
CA ASN B 61 29.11 2.77 -21.28
C ASN B 61 28.93 3.75 -22.43
N ASP B 62 29.91 3.85 -23.30
CA ASP B 62 29.86 4.83 -24.38
C ASP B 62 28.91 4.47 -25.51
N LYS B 63 28.33 3.28 -25.47
CA LYS B 63 27.39 2.86 -26.49
C LYS B 63 26.01 3.42 -26.20
N CYS B 64 25.82 4.01 -25.03
CA CYS B 64 24.51 4.48 -24.66
C CYS B 64 24.27 5.93 -24.99
N ILE B 65 23.14 6.21 -25.63
CA ILE B 65 22.78 7.58 -25.92
C ILE B 65 21.53 7.91 -25.13
N PHE B 66 21.57 9.00 -24.38
CA PHE B 66 20.42 9.42 -23.62
C PHE B 66 19.61 10.44 -24.39
N LEU B 67 18.33 10.15 -24.64
CA LEU B 67 17.47 11.06 -25.37
C LEU B 67 16.38 11.61 -24.48
N PRO B 68 16.45 12.92 -24.19
CA PRO B 68 15.47 13.53 -23.31
C PRO B 68 14.20 13.99 -24.02
N LEU B 69 13.05 13.75 -23.42
CA LEU B 69 11.80 14.22 -23.99
C LEU B 69 11.18 15.25 -23.06
N SER B 70 10.77 16.38 -23.60
CA SER B 70 10.21 17.46 -22.80
C SER B 70 8.85 17.15 -22.18
N ASP B 71 7.93 16.63 -22.98
CA ASP B 71 6.61 16.31 -22.50
C ASP B 71 6.24 14.95 -22.98
N VAL B 72 6.05 14.03 -22.06
CA VAL B 72 5.79 12.65 -22.44
C VAL B 72 4.30 12.38 -22.59
N SER B 73 3.50 13.43 -22.60
CA SER B 73 2.07 13.28 -22.79
C SER B 73 1.62 13.98 -24.07
N ASN B 74 2.52 14.67 -24.73
CA ASN B 74 2.17 15.42 -25.93
C ASN B 74 2.86 14.90 -27.19
N SER B 75 2.07 14.42 -28.15
CA SER B 75 2.62 13.85 -29.37
C SER B 75 3.47 14.84 -30.15
N GLU B 76 2.98 16.06 -30.31
CA GLU B 76 3.72 17.05 -31.05
C GLU B 76 5.10 17.23 -30.48
N LYS B 77 5.17 17.45 -29.17
CA LYS B 77 6.45 17.68 -28.54
C LYS B 77 7.35 16.46 -28.60
N ILE B 78 6.76 15.27 -28.48
CA ILE B 78 7.54 14.06 -28.53
C ILE B 78 8.17 13.91 -29.91
N ILE B 79 7.36 14.08 -30.94
CA ILE B 79 7.86 13.91 -32.30
C ILE B 79 8.93 14.94 -32.60
N ASN B 80 8.71 16.17 -32.16
CA ASN B 80 9.69 17.22 -32.40
C ASN B 80 11.00 16.91 -31.70
N ASP B 81 10.91 16.50 -30.45
CA ASP B 81 12.11 16.19 -29.69
C ASP B 81 12.85 15.05 -30.36
N LEU B 82 12.10 14.12 -30.94
CA LEU B 82 12.71 12.98 -31.61
C LEU B 82 13.49 13.39 -32.85
N ARG B 83 12.88 14.22 -33.70
CA ARG B 83 13.53 14.61 -34.94
C ARG B 83 14.74 15.46 -34.66
N GLU B 84 14.74 16.11 -33.52
CA GLU B 84 15.84 16.98 -33.17
C GLU B 84 16.94 16.26 -32.43
N LYS B 85 16.59 15.23 -31.68
CA LYS B 85 17.61 14.60 -30.83
C LYS B 85 17.95 13.16 -31.16
N PHE B 86 17.09 12.46 -31.90
CA PHE B 86 17.39 11.06 -32.15
C PHE B 86 18.66 10.93 -32.96
N PRO B 87 19.52 9.97 -32.60
CA PRO B 87 20.78 9.79 -33.31
C PRO B 87 20.63 9.79 -34.82
N SER B 88 21.45 10.56 -35.51
CA SER B 88 21.33 10.70 -36.95
C SER B 88 22.17 9.71 -37.77
N GLU B 89 23.01 8.93 -37.11
CA GLU B 89 23.87 8.00 -37.82
C GLU B 89 23.10 6.99 -38.66
N ASP B 90 23.81 6.30 -39.55
CA ASP B 90 23.16 5.33 -40.42
C ASP B 90 23.20 3.96 -39.80
N PHE B 91 22.02 3.39 -39.55
CA PHE B 91 21.95 2.09 -38.93
C PHE B 91 21.43 1.07 -39.90
N VAL B 92 21.72 -0.19 -39.64
CA VAL B 92 21.25 -1.25 -40.51
C VAL B 92 20.09 -1.93 -39.84
N GLU B 93 19.97 -1.74 -38.54
CA GLU B 93 18.85 -2.32 -37.82
C GLU B 93 18.44 -1.44 -36.66
N VAL B 94 17.17 -1.11 -36.57
CA VAL B 94 16.68 -0.35 -35.44
C VAL B 94 15.68 -1.20 -34.69
N HIS B 95 16.01 -1.56 -33.45
CA HIS B 95 15.12 -2.37 -32.64
C HIS B 95 14.52 -1.55 -31.51
N LEU B 96 13.20 -1.49 -31.46
CA LEU B 96 12.55 -0.76 -30.38
C LEU B 96 11.78 -1.66 -29.44
N ASN B 97 12.08 -1.57 -28.16
CA ASN B 97 11.30 -2.30 -27.19
C ASN B 97 10.42 -1.23 -26.59
N TYR B 98 9.12 -1.31 -26.83
CA TYR B 98 8.21 -0.25 -26.38
C TYR B 98 7.45 -0.62 -25.12
N THR B 99 8.05 -1.43 -24.26
CA THR B 99 7.37 -1.88 -23.06
C THR B 99 7.14 -0.76 -22.05
N GLY B 100 8.13 0.10 -21.86
CA GLY B 100 8.01 1.15 -20.88
C GLY B 100 7.51 2.48 -21.36
N GLY B 101 7.25 3.40 -20.44
CA GLY B 101 6.82 4.73 -20.79
C GLY B 101 5.34 4.97 -20.97
N THR B 102 4.99 6.18 -21.39
CA THR B 102 3.60 6.51 -21.60
C THR B 102 3.10 5.97 -22.92
N LYS B 103 1.79 5.79 -23.02
CA LYS B 103 1.22 5.24 -24.22
C LYS B 103 1.48 6.13 -25.43
N THR B 104 1.50 7.43 -25.22
CA THR B 104 1.81 8.35 -26.30
C THR B 104 3.29 8.27 -26.67
N MET B 105 4.14 8.05 -25.68
CA MET B 105 5.55 7.86 -25.96
C MET B 105 5.72 6.64 -26.84
N VAL B 106 5.01 5.58 -26.52
CA VAL B 106 5.17 4.37 -27.28
C VAL B 106 4.67 4.52 -28.69
N VAL B 107 3.49 5.07 -28.87
CA VAL B 107 2.90 5.16 -30.21
C VAL B 107 3.72 6.04 -31.13
N HIS B 108 4.12 7.20 -30.65
CA HIS B 108 4.82 8.15 -31.50
C HIS B 108 6.30 7.86 -31.67
N ILE B 109 6.90 7.16 -30.72
CA ILE B 109 8.29 6.77 -30.91
C ILE B 109 8.30 5.66 -31.94
N TYR B 110 7.33 4.75 -31.84
CA TYR B 110 7.27 3.63 -32.76
C TYR B 110 7.07 4.10 -34.19
N ASN B 111 6.07 4.92 -34.40
CA ASN B 111 5.77 5.39 -35.75
C ASN B 111 6.85 6.31 -36.30
N PHE B 112 7.46 7.10 -35.43
CA PHE B 112 8.56 7.96 -35.87
C PHE B 112 9.72 7.14 -36.39
N LEU B 113 10.13 6.13 -35.64
CA LEU B 113 11.27 5.34 -36.04
C LEU B 113 10.95 4.43 -37.22
N LYS B 114 9.70 3.96 -37.29
CA LYS B 114 9.32 3.12 -38.39
C LYS B 114 9.45 3.88 -39.70
N GLU B 115 9.06 5.14 -39.69
CA GLU B 115 9.20 5.97 -40.88
C GLU B 115 10.64 6.36 -41.13
N LYS B 116 11.33 6.83 -40.10
CA LYS B 116 12.69 7.31 -40.29
C LYS B 116 13.58 6.23 -40.85
N PHE B 117 13.21 4.98 -40.63
CA PHE B 117 14.05 3.88 -41.08
C PHE B 117 13.25 2.93 -41.95
N LYS B 118 12.32 3.46 -42.72
CA LYS B 118 11.51 2.64 -43.61
C LYS B 118 12.35 2.04 -44.73
N ASN B 119 13.47 2.68 -45.05
CA ASN B 119 14.35 2.17 -46.09
C ASN B 119 14.64 0.71 -45.86
N ASN B 120 14.48 -0.12 -46.89
CA ASN B 120 14.66 -1.55 -46.74
C ASN B 120 16.10 -1.87 -46.37
N LYS B 121 16.99 -0.91 -46.54
CA LYS B 121 18.36 -1.12 -46.13
C LYS B 121 18.36 -1.32 -44.64
N ILE B 122 17.34 -0.77 -43.97
CA ILE B 122 17.28 -0.87 -42.53
C ILE B 122 16.14 -1.75 -42.07
N LYS B 123 16.43 -2.69 -41.18
CA LYS B 123 15.40 -3.55 -40.64
C LYS B 123 14.79 -2.95 -39.39
N PHE B 124 13.47 -2.84 -39.35
CA PHE B 124 12.80 -2.31 -38.16
C PHE B 124 12.17 -3.44 -37.36
N GLU B 125 12.40 -3.44 -36.06
CA GLU B 125 11.84 -4.46 -35.21
C GLU B 125 11.23 -3.87 -33.96
N GLY B 126 10.10 -4.43 -33.55
CA GLY B 126 9.45 -3.96 -32.34
C GLY B 126 9.23 -5.10 -31.40
N SER B 127 9.56 -4.89 -30.14
CA SER B 127 9.41 -5.94 -29.15
C SER B 127 8.66 -5.46 -27.93
N TYR B 128 8.11 -6.41 -27.19
CA TYR B 128 7.38 -6.08 -25.97
C TYR B 128 7.57 -7.19 -24.96
N LEU B 129 7.86 -6.80 -23.73
CA LEU B 129 8.00 -7.80 -22.68
C LEU B 129 6.68 -8.01 -21.95
N ASP B 130 6.11 -9.20 -22.08
CA ASP B 130 4.86 -9.52 -21.42
C ASP B 130 5.09 -9.88 -19.97
N ALA B 131 4.51 -9.10 -19.07
CA ALA B 131 4.68 -9.35 -17.65
C ALA B 131 3.90 -10.54 -17.17
N ARG B 132 2.85 -10.90 -17.90
CA ARG B 132 1.98 -11.99 -17.46
C ARG B 132 2.53 -13.39 -17.77
N ASP B 133 3.20 -13.55 -18.90
CA ASP B 133 3.76 -14.84 -19.24
C ASP B 133 5.28 -14.80 -19.37
N TYR B 134 5.90 -13.75 -18.86
CA TYR B 134 7.36 -13.66 -18.86
C TYR B 134 7.99 -14.00 -20.21
N LYS B 135 7.55 -13.32 -21.26
CA LYS B 135 8.08 -13.59 -22.57
C LYS B 135 8.33 -12.34 -23.39
N LEU B 136 9.35 -12.37 -24.23
CA LEU B 136 9.62 -11.26 -25.10
C LEU B 136 8.97 -11.53 -26.43
N VAL B 137 8.05 -10.66 -26.83
CA VAL B 137 7.31 -10.88 -28.05
C VAL B 137 7.71 -9.89 -29.13
N TYR B 138 7.89 -10.39 -30.35
CA TYR B 138 8.30 -9.54 -31.44
C TYR B 138 7.12 -9.23 -32.34
N ASP B 139 7.08 -8.01 -32.87
CA ASP B 139 5.96 -7.61 -33.69
C ASP B 139 5.89 -8.38 -35.00
N TYR B 140 4.71 -8.87 -35.33
CA TYR B 140 4.50 -9.58 -36.60
C TYR B 140 5.31 -10.86 -36.68
N SER B 141 6.03 -11.18 -35.62
CA SER B 141 6.87 -12.36 -35.63
C SER B 141 6.43 -13.27 -34.51
N GLU B 142 5.93 -14.43 -34.88
CA GLU B 142 5.45 -15.38 -33.88
C GLU B 142 6.53 -15.69 -32.87
N GLU B 143 7.79 -15.44 -33.23
CA GLU B 143 8.87 -15.75 -32.32
C GLU B 143 8.57 -15.18 -30.94
N ALA B 144 8.47 -16.05 -29.95
CA ALA B 144 8.21 -15.60 -28.59
C ALA B 144 9.20 -16.28 -27.68
N ILE B 145 10.03 -15.49 -27.02
CA ILE B 145 11.06 -16.07 -26.18
C ILE B 145 10.78 -15.83 -24.71
N SER B 146 10.60 -16.91 -23.96
CA SER B 146 10.41 -16.78 -22.53
C SER B 146 11.72 -16.42 -21.87
N LEU B 147 11.71 -15.40 -21.05
CA LEU B 147 12.90 -14.96 -20.36
C LEU B 147 12.77 -15.26 -18.89
N LYS B 148 11.72 -15.96 -18.50
CA LYS B 148 11.47 -16.21 -17.09
C LYS B 148 12.61 -16.90 -16.39
N ASP B 149 13.12 -17.97 -17.00
CA ASP B 149 14.19 -18.73 -16.37
C ASP B 149 15.54 -18.46 -17.01
N THR B 150 15.63 -17.46 -17.87
CA THR B 150 16.89 -17.18 -18.56
C THR B 150 17.58 -15.96 -18.00
N ILE B 151 16.83 -14.93 -17.67
CA ILE B 151 17.41 -13.72 -17.14
C ILE B 151 17.34 -13.75 -15.64
N LYS B 152 18.48 -13.52 -15.00
CA LYS B 152 18.52 -13.55 -13.57
C LYS B 152 18.94 -12.20 -13.05
N ILE B 153 18.58 -11.91 -11.81
CA ILE B 153 18.98 -10.65 -11.21
C ILE B 153 19.20 -10.89 -9.74
N ASP B 154 20.13 -10.16 -9.17
CA ASP B 154 20.41 -10.30 -7.76
C ASP B 154 19.70 -9.19 -7.00
N ILE B 155 19.59 -9.35 -5.70
CA ILE B 155 18.89 -8.37 -4.89
C ILE B 155 19.50 -6.98 -5.00
N ASN B 156 20.82 -6.91 -5.05
CA ASN B 156 21.49 -5.62 -5.08
C ASN B 156 21.19 -4.85 -6.35
N THR B 157 21.18 -5.53 -7.48
CA THR B 157 20.86 -4.88 -8.74
C THR B 157 19.41 -4.43 -8.74
N LEU B 158 18.52 -5.28 -8.25
CA LEU B 158 17.10 -4.94 -8.26
C LEU B 158 16.83 -3.68 -7.48
N LEU B 159 17.39 -3.61 -6.28
CA LEU B 159 17.16 -2.45 -5.44
C LEU B 159 17.87 -1.23 -6.01
N SER B 160 19.01 -1.45 -6.64
CA SER B 160 19.76 -0.34 -7.19
C SER B 160 19.04 0.32 -8.35
N ILE B 161 18.53 -0.49 -9.27
CA ILE B 161 17.80 0.06 -10.41
C ILE B 161 16.54 0.78 -9.93
N HIS B 162 16.02 0.37 -8.78
CA HIS B 162 14.85 1.04 -8.23
C HIS B 162 15.28 2.15 -7.29
N LEU B 163 16.53 2.58 -7.40
CA LEU B 163 17.03 3.72 -6.62
C LEU B 163 17.18 3.51 -5.12
N TYR B 164 17.46 2.29 -4.71
CA TYR B 164 17.68 2.01 -3.30
C TYR B 164 19.14 1.73 -3.01
N GLU B 165 19.61 2.16 -1.85
CA GLU B 165 21.02 2.00 -1.52
C GLU B 165 21.27 1.51 -0.10
N ASP B 166 22.53 1.26 0.23
CA ASP B 166 22.89 0.76 1.56
C ASP B 166 22.10 -0.50 1.85
N ILE B 167 22.17 -1.45 0.93
CA ILE B 167 21.44 -2.69 1.09
C ILE B 167 22.12 -3.63 2.05
N HIS B 168 21.41 -4.01 3.10
CA HIS B 168 21.95 -4.96 4.04
C HIS B 168 20.98 -6.08 4.37
N PHE B 169 21.50 -7.26 4.58
CA PHE B 169 20.66 -8.41 4.89
C PHE B 169 21.49 -9.46 5.61
N GLU B 170 20.84 -10.50 6.10
CA GLU B 170 21.56 -11.54 6.83
C GLU B 170 21.49 -12.90 6.18
N PHE B 171 22.48 -13.75 6.44
CA PHE B 171 22.47 -15.10 5.93
C PHE B 171 22.16 -16.04 7.06
N TYR B 172 21.93 -17.32 6.75
CA TYR B 172 21.71 -18.28 7.80
C TYR B 172 22.96 -18.41 8.64
N ASP B 173 24.12 -18.16 8.04
CA ASP B 173 25.39 -18.24 8.75
C ASP B 173 25.69 -16.95 9.49
N THR B 174 24.91 -15.92 9.25
CA THR B 174 25.19 -14.63 9.87
C THR B 174 24.03 -14.08 10.67
N TYR B 175 23.12 -14.93 11.09
CA TYR B 175 21.94 -14.49 11.85
C TYR B 175 22.36 -13.86 13.16
N SER B 176 21.83 -12.68 13.44
CA SER B 176 22.22 -11.95 14.65
C SER B 176 22.03 -12.71 15.93
N TYR B 177 20.87 -13.32 16.11
CA TYR B 177 20.58 -14.02 17.36
C TYR B 177 21.47 -15.22 17.57
N LYS B 178 22.09 -15.71 16.50
CA LYS B 178 23.01 -16.83 16.64
C LYS B 178 24.21 -16.40 17.47
N GLN B 179 24.52 -15.13 17.42
CA GLN B 179 25.63 -14.61 18.21
C GLN B 179 25.17 -14.24 19.62
N LYS B 180 23.93 -13.79 19.75
CA LYS B 180 23.41 -13.37 21.05
C LYS B 180 23.17 -14.53 22.00
N PHE B 181 22.68 -15.64 21.48
CA PHE B 181 22.45 -16.81 22.31
C PHE B 181 23.48 -17.86 21.92
N VAL B 182 24.75 -17.46 21.89
CA VAL B 182 25.79 -18.38 21.45
C VAL B 182 25.80 -19.70 22.18
N ASP B 183 26.09 -20.77 21.46
CA ASP B 183 26.18 -22.10 22.07
C ASP B 183 24.82 -22.64 22.43
N SER B 184 23.78 -21.87 22.20
CA SER B 184 22.45 -22.32 22.57
C SER B 184 21.43 -22.10 21.46
N PHE B 185 21.79 -21.34 20.44
CA PHE B 185 20.82 -21.02 19.38
C PHE B 185 20.27 -22.27 18.73
N ASP B 186 21.14 -23.22 18.45
CA ASP B 186 20.71 -24.42 17.76
C ASP B 186 19.67 -25.20 18.57
N LYS B 187 19.91 -25.36 19.86
CA LYS B 187 18.97 -26.09 20.69
C LYS B 187 17.67 -25.32 20.75
N ILE B 188 17.76 -24.01 20.91
CA ILE B 188 16.57 -23.19 20.97
C ILE B 188 15.78 -23.31 19.68
N SER B 189 16.48 -23.26 18.56
CA SER B 189 15.82 -23.36 17.27
C SER B 189 15.11 -24.68 17.08
N GLN B 190 15.79 -25.76 17.42
CA GLN B 190 15.20 -27.09 17.24
C GLN B 190 14.00 -27.28 18.12
N GLU B 191 14.06 -26.79 19.35
CA GLU B 191 12.95 -26.92 20.26
C GLU B 191 11.72 -26.23 19.70
N ILE B 192 11.92 -25.07 19.12
CA ILE B 192 10.81 -24.34 18.52
C ILE B 192 10.35 -25.03 17.25
N GLU B 193 11.29 -25.50 16.46
CA GLU B 193 10.94 -26.19 15.22
C GLU B 193 10.15 -27.45 15.50
N LYS B 194 10.58 -28.22 16.49
CA LYS B 194 9.86 -29.42 16.84
C LYS B 194 8.43 -29.10 17.23
N ALA B 195 8.23 -28.03 18.00
CA ALA B 195 6.90 -27.64 18.41
C ALA B 195 6.01 -27.25 17.23
N ILE B 196 6.56 -26.51 16.29
CA ILE B 196 5.79 -26.11 15.12
C ILE B 196 5.44 -27.35 14.31
N LYS B 197 6.39 -28.26 14.19
CA LYS B 197 6.15 -29.49 13.47
C LYS B 197 5.06 -30.31 14.15
N ASP B 198 4.90 -30.14 15.46
CA ASP B 198 3.89 -30.89 16.20
C ASP B 198 2.60 -30.11 16.31
N ASP B 199 2.38 -29.17 15.40
CA ASP B 199 1.16 -28.39 15.40
C ASP B 199 0.93 -27.70 16.74
N LYS B 200 2.00 -27.20 17.34
CA LYS B 200 1.89 -26.52 18.62
C LYS B 200 1.98 -25.02 18.50
N GLY B 201 2.07 -24.51 17.27
CA GLY B 201 2.24 -23.09 17.08
C GLY B 201 1.15 -22.25 17.67
N GLU B 202 -0.09 -22.68 17.49
CA GLU B 202 -1.21 -21.91 17.98
C GLU B 202 -1.16 -21.81 19.49
N ASP B 203 -0.69 -22.87 20.13
CA ASP B 203 -0.58 -22.85 21.58
C ASP B 203 0.53 -21.90 22.00
N PHE B 204 1.65 -21.96 21.30
CA PHE B 204 2.76 -21.07 21.59
C PHE B 204 2.32 -19.63 21.45
N VAL B 205 1.62 -19.32 20.37
CA VAL B 205 1.19 -17.95 20.14
C VAL B 205 0.27 -17.48 21.24
N LYS B 206 -0.67 -18.32 21.62
CA LYS B 206 -1.60 -17.95 22.67
C LYS B 206 -0.90 -17.71 23.99
N TRP B 207 0.11 -18.52 24.28
CA TRP B 207 0.88 -18.33 25.50
C TRP B 207 1.70 -17.06 25.43
N LEU B 208 2.25 -16.77 24.27
CA LEU B 208 3.05 -15.55 24.11
C LEU B 208 2.20 -14.33 24.35
N GLU B 209 0.97 -14.34 23.86
CA GLU B 209 0.06 -13.24 24.10
C GLU B 209 -0.29 -13.17 25.57
N ASP B 210 -0.59 -14.32 26.15
CA ASP B 210 -0.91 -14.37 27.57
C ASP B 210 -0.48 -15.71 28.12
N PRO B 211 0.54 -15.71 28.99
CA PRO B 211 0.90 -14.61 29.86
C PRO B 211 2.20 -13.90 29.54
N PHE B 212 2.91 -14.28 28.48
CA PHE B 212 4.23 -13.71 28.21
C PHE B 212 4.25 -12.21 27.96
N ARG B 213 3.43 -11.74 27.03
CA ARG B 213 3.45 -10.33 26.69
C ARG B 213 2.88 -9.46 27.79
N LYS B 214 2.01 -10.02 28.61
CA LYS B 214 1.46 -9.27 29.71
C LYS B 214 2.52 -9.07 30.78
N ILE B 215 3.58 -9.85 30.73
CA ILE B 215 4.63 -9.76 31.74
C ILE B 215 5.87 -9.03 31.25
N PHE B 216 6.32 -9.34 30.04
CA PHE B 216 7.56 -8.75 29.54
C PHE B 216 7.35 -7.60 28.57
N LYS B 217 6.12 -7.39 28.14
CA LYS B 217 5.86 -6.36 27.15
C LYS B 217 4.67 -5.53 27.55
N GLY B 218 4.78 -4.82 28.66
CA GLY B 218 3.69 -4.00 29.12
C GLY B 218 4.02 -2.52 29.19
N GLU B 219 5.28 -2.18 28.99
CA GLU B 219 5.69 -0.79 29.07
C GLU B 219 6.73 -0.52 28.00
N ASN B 220 7.16 0.72 27.88
CA ASN B 220 8.12 1.07 26.83
C ASN B 220 9.50 0.44 27.02
N LYS B 221 10.10 0.63 28.18
CA LYS B 221 11.41 0.04 28.45
C LYS B 221 11.47 -0.61 29.81
N LEU B 222 10.41 -1.33 30.17
CA LEU B 222 10.35 -1.98 31.48
C LEU B 222 11.48 -2.97 31.65
N LEU B 223 11.91 -3.57 30.56
CA LEU B 223 12.96 -4.58 30.64
C LEU B 223 14.32 -3.93 30.62
N GLU B 224 14.34 -2.60 30.55
CA GLU B 224 15.60 -1.88 30.58
C GLU B 224 15.96 -1.45 31.99
N LYS B 225 14.94 -1.27 32.83
CA LYS B 225 15.18 -0.82 34.19
C LYS B 225 14.58 -1.78 35.21
N THR B 226 15.39 -2.25 36.15
CA THR B 226 14.91 -3.22 37.11
C THR B 226 13.77 -2.68 37.93
N ALA B 227 13.76 -1.38 38.17
CA ALA B 227 12.72 -0.77 38.99
C ALA B 227 11.36 -0.94 38.38
N LYS B 228 11.22 -0.50 37.13
CA LYS B 228 9.93 -0.58 36.49
C LYS B 228 9.49 -2.02 36.39
N PHE B 229 10.42 -2.92 36.10
CA PHE B 229 10.05 -4.30 35.90
C PHE B 229 9.52 -4.91 37.19
N LYS B 230 10.18 -4.61 38.29
CA LYS B 230 9.72 -5.14 39.57
C LYS B 230 8.36 -4.55 39.91
N LYS B 231 8.14 -3.31 39.52
CA LYS B 231 6.84 -2.70 39.76
C LYS B 231 5.78 -3.41 38.95
N HIS B 232 6.07 -3.66 37.69
CA HIS B 232 5.13 -4.33 36.83
C HIS B 232 4.79 -5.67 37.46
N ILE B 233 5.80 -6.35 37.95
CA ILE B 233 5.57 -7.64 38.58
C ILE B 233 4.70 -7.47 39.81
N GLU B 234 5.03 -6.49 40.64
CA GLU B 234 4.28 -6.27 41.87
C GLU B 234 2.84 -5.98 41.53
N LYS B 235 2.63 -5.14 40.53
CA LYS B 235 1.28 -4.80 40.13
C LYS B 235 0.54 -6.06 39.71
N LEU B 236 1.16 -6.89 38.90
CA LEU B 236 0.51 -8.09 38.41
C LEU B 236 0.15 -9.03 39.53
N LEU B 237 1.01 -9.12 40.53
CA LEU B 237 0.78 -10.04 41.63
C LEU B 237 -0.50 -9.68 42.37
N LYS B 238 -0.97 -8.46 42.23
CA LYS B 238 -2.20 -8.04 42.88
C LYS B 238 -3.44 -8.69 42.31
N ASP B 239 -3.36 -9.11 41.05
CA ASP B 239 -4.50 -9.74 40.40
C ASP B 239 -4.60 -11.17 40.90
N ASN B 240 -3.71 -11.57 41.80
CA ASN B 240 -3.78 -12.91 42.41
C ASN B 240 -3.78 -14.13 41.48
N ASP B 241 -4.71 -15.05 41.69
CA ASP B 241 -4.72 -16.28 40.90
C ASP B 241 -4.93 -16.03 39.42
N SER B 242 -5.53 -14.89 39.10
CA SER B 242 -5.77 -14.53 37.71
C SER B 242 -4.56 -13.81 37.14
N SER B 243 -3.55 -13.59 37.96
CA SER B 243 -2.36 -12.91 37.50
C SER B 243 -1.69 -13.65 36.37
N PRO B 244 -1.07 -12.93 35.46
CA PRO B 244 -0.33 -13.58 34.39
C PRO B 244 0.83 -14.36 34.96
N ILE B 245 1.38 -13.90 36.06
CA ILE B 245 2.51 -14.59 36.68
C ILE B 245 2.12 -15.98 37.16
N VAL B 246 0.95 -16.09 37.77
CA VAL B 246 0.47 -17.38 38.20
C VAL B 246 0.27 -18.27 36.98
N LYS B 247 -0.29 -17.71 35.92
CA LYS B 247 -0.51 -18.47 34.70
C LYS B 247 0.80 -18.97 34.14
N PHE B 248 1.82 -18.13 34.22
CA PHE B 248 3.14 -18.52 33.75
C PHE B 248 3.68 -19.65 34.59
N ASN B 249 3.59 -19.52 35.90
CA ASN B 249 4.18 -20.52 36.80
C ASN B 249 3.40 -21.82 36.92
N GLU B 250 2.11 -21.80 36.66
CA GLU B 250 1.31 -22.99 36.89
C GLU B 250 0.65 -23.56 35.65
N LYS B 251 0.53 -22.77 34.59
CA LYS B 251 -0.16 -23.26 33.42
C LYS B 251 0.67 -23.19 32.14
N THR B 252 1.99 -23.10 32.27
CA THR B 252 2.84 -23.07 31.09
C THR B 252 3.08 -24.49 30.61
N PRO B 253 2.78 -24.74 29.33
CA PRO B 253 2.96 -26.08 28.78
C PRO B 253 4.38 -26.56 28.86
N GLN B 254 4.58 -27.86 28.89
CA GLN B 254 5.91 -28.42 29.03
C GLN B 254 6.82 -28.09 27.85
N PHE B 255 6.25 -28.11 26.65
CA PHE B 255 7.05 -27.82 25.47
C PHE B 255 7.57 -26.39 25.54
N ILE B 256 6.79 -25.49 26.12
CA ILE B 256 7.23 -24.11 26.29
C ILE B 256 8.32 -24.03 27.34
N TRP B 257 8.20 -24.78 28.43
CA TRP B 257 9.25 -24.80 29.44
C TRP B 257 10.52 -25.31 28.82
N ASP B 258 10.41 -26.28 27.91
CA ASP B 258 11.57 -26.82 27.23
C ASP B 258 12.24 -25.78 26.37
N ILE B 259 11.44 -24.96 25.69
CA ILE B 259 12.00 -23.90 24.88
C ILE B 259 12.66 -22.86 25.77
N LEU B 260 12.03 -22.54 26.90
CA LEU B 260 12.57 -21.54 27.81
C LEU B 260 13.85 -22.02 28.45
N ASN B 261 13.92 -23.30 28.75
CA ASN B 261 15.11 -23.85 29.40
C ASN B 261 16.19 -24.21 28.40
N ALA B 262 15.94 -23.96 27.13
CA ALA B 262 16.95 -24.20 26.11
C ALA B 262 17.85 -22.98 25.99
N PHE B 263 17.41 -21.88 26.58
CA PHE B 263 18.20 -20.67 26.52
C PHE B 263 19.38 -20.75 27.47
N PRO B 264 20.43 -19.98 27.18
CA PRO B 264 21.64 -20.01 28.01
C PRO B 264 21.35 -19.61 29.44
N GLU B 265 22.10 -20.13 30.38
CA GLU B 265 21.80 -19.89 31.79
C GLU B 265 21.67 -18.43 32.18
N GLY B 266 22.47 -17.57 31.58
CA GLY B 266 22.39 -16.15 31.87
C GLY B 266 21.34 -15.41 31.08
N LYS B 267 20.57 -16.13 30.27
CA LYS B 267 19.58 -15.48 29.43
C LYS B 267 18.19 -16.08 29.60
N LYS B 268 17.97 -16.76 30.72
CA LYS B 268 16.69 -17.43 30.92
C LYS B 268 15.72 -16.54 31.67
N LEU B 269 14.45 -16.62 31.32
CA LEU B 269 13.45 -15.78 31.95
C LEU B 269 12.86 -16.46 33.15
N ASN B 270 13.29 -17.69 33.40
CA ASN B 270 12.73 -18.45 34.50
C ASN B 270 13.75 -18.97 35.47
N ASP B 271 13.33 -19.19 36.71
CA ASP B 271 14.21 -19.77 37.70
C ASP B 271 13.48 -21.00 38.13
N GLY B 272 13.71 -22.11 37.45
CA GLY B 272 12.94 -23.30 37.75
C GLY B 272 11.62 -23.14 37.03
N GLN B 273 10.55 -23.64 37.62
CA GLN B 273 9.24 -23.48 37.02
C GLN B 273 8.62 -22.20 37.51
N LYS B 274 9.44 -21.17 37.71
CA LYS B 274 8.93 -19.91 38.20
C LYS B 274 9.50 -18.78 37.38
N LEU B 275 8.80 -17.67 37.33
CA LEU B 275 9.32 -16.52 36.64
C LEU B 275 10.45 -15.94 37.46
N TRP B 276 11.54 -15.58 36.82
CA TRP B 276 12.63 -14.96 37.54
C TRP B 276 12.23 -13.54 37.87
N ILE B 277 12.08 -13.25 39.15
CA ILE B 277 11.72 -11.90 39.55
C ILE B 277 12.95 -11.24 40.12
N PRO B 278 13.46 -10.23 39.42
CA PRO B 278 14.70 -9.57 39.85
C PRO B 278 14.65 -9.07 41.28
N ASP B 279 15.71 -9.30 42.03
CA ASP B 279 15.77 -8.79 43.38
C ASP B 279 16.17 -7.34 43.35
N ASP B 280 16.26 -6.73 44.53
CA ASP B 280 16.59 -5.31 44.60
C ASP B 280 17.97 -5.03 44.07
N LYS B 281 18.89 -5.97 44.25
CA LYS B 281 20.27 -5.76 43.84
C LYS B 281 20.46 -5.70 42.33
N ILE B 282 19.69 -6.48 41.59
CA ILE B 282 19.89 -6.56 40.14
C ILE B 282 20.14 -5.21 39.48
N THR B 283 21.23 -5.11 38.72
CA THR B 283 21.53 -3.88 38.02
C THR B 283 20.76 -3.82 36.72
N ASN B 284 20.37 -2.62 36.30
CA ASN B 284 19.61 -2.48 35.08
C ASN B 284 20.35 -3.16 33.93
N ASP B 285 21.67 -3.02 33.88
CA ASP B 285 22.43 -3.66 32.84
C ASP B 285 22.39 -5.17 32.97
N ASN B 286 22.39 -5.65 34.20
CA ASN B 286 22.31 -7.09 34.42
C ASN B 286 21.00 -7.62 33.88
N LEU B 287 19.93 -6.88 34.12
CA LEU B 287 18.62 -7.32 33.68
C LEU B 287 18.55 -7.39 32.17
N SER B 288 19.02 -6.36 31.50
CA SER B 288 18.94 -6.32 30.06
C SER B 288 19.72 -7.48 29.47
N SER B 289 20.86 -7.77 30.05
CA SER B 289 21.69 -8.85 29.54
C SER B 289 20.93 -10.16 29.64
N ARG B 290 20.19 -10.35 30.70
CA ARG B 290 19.49 -11.60 30.89
C ARG B 290 18.17 -11.72 30.13
N VAL B 291 17.46 -10.62 29.93
CA VAL B 291 16.14 -10.73 29.32
C VAL B 291 15.89 -10.08 27.96
N LYS B 292 16.62 -9.04 27.61
CA LYS B 292 16.32 -8.32 26.36
C LYS B 292 16.30 -9.20 25.12
N ASP B 293 17.41 -9.84 24.83
CA ASP B 293 17.49 -10.63 23.62
C ASP B 293 16.50 -11.78 23.65
N THR B 294 16.37 -12.41 24.81
CA THR B 294 15.48 -13.55 24.93
C THR B 294 14.02 -13.14 24.67
N VAL B 295 13.59 -12.04 25.23
CA VAL B 295 12.21 -11.62 25.05
C VAL B 295 11.94 -11.19 23.62
N GLU B 296 12.89 -10.48 23.03
CA GLU B 296 12.74 -10.04 21.66
C GLU B 296 12.63 -11.21 20.69
N PHE B 297 13.49 -12.21 20.87
CA PHE B 297 13.45 -13.37 20.01
C PHE B 297 12.14 -14.12 20.18
N LEU B 298 11.71 -14.31 21.42
CA LEU B 298 10.50 -15.05 21.69
C LEU B 298 9.24 -14.28 21.30
N ASN B 299 9.32 -12.97 21.27
CA ASN B 299 8.17 -12.18 20.90
C ASN B 299 7.85 -12.34 19.44
N GLY B 300 8.74 -12.92 18.67
CA GLY B 300 8.44 -13.18 17.28
C GLY B 300 9.60 -13.50 16.35
N LYS B 301 10.78 -12.91 16.58
CA LYS B 301 11.89 -13.12 15.67
C LYS B 301 12.09 -14.59 15.38
N TRP B 302 11.65 -15.43 16.31
CA TRP B 302 11.78 -16.87 16.12
C TRP B 302 11.05 -17.32 14.88
N PHE B 303 9.88 -16.75 14.62
CA PHE B 303 9.09 -17.17 13.48
C PHE B 303 9.81 -16.86 12.18
N GLU B 304 10.40 -15.69 12.12
CA GLU B 304 11.18 -15.32 10.95
C GLU B 304 12.25 -16.35 10.69
N TRP B 305 12.99 -16.72 11.72
CA TRP B 305 14.05 -17.69 11.57
C TRP B 305 13.50 -19.04 11.13
N TYR B 306 12.42 -19.48 11.74
CA TYR B 306 11.87 -20.78 11.43
C TYR B 306 11.47 -20.85 9.98
N VAL B 307 10.77 -19.83 9.50
CA VAL B 307 10.31 -19.85 8.13
C VAL B 307 11.48 -19.79 7.17
N TYR B 308 12.50 -19.01 7.51
CA TYR B 308 13.68 -18.92 6.66
C TYR B 308 14.38 -20.25 6.59
N SER B 309 14.50 -20.92 7.72
CA SER B 309 15.17 -22.20 7.76
C SER B 309 14.42 -23.23 6.94
N GLN B 310 13.10 -23.16 6.97
CA GLN B 310 12.28 -24.08 6.20
C GLN B 310 12.41 -23.84 4.69
N ILE B 311 12.70 -22.61 4.31
CA ILE B 311 12.78 -22.26 2.89
C ILE B 311 14.16 -22.46 2.29
N LYS B 312 15.18 -22.25 3.09
CA LYS B 312 16.54 -22.40 2.59
C LYS B 312 16.76 -23.77 2.00
N SER B 313 16.33 -24.81 2.71
CA SER B 313 16.52 -26.16 2.24
C SER B 313 16.01 -26.31 0.83
N GLU B 314 14.76 -25.98 0.62
CA GLU B 314 14.16 -26.16 -0.68
C GLU B 314 14.80 -25.29 -1.73
N LEU B 315 15.19 -24.08 -1.35
CA LEU B 315 15.75 -23.17 -2.33
C LEU B 315 17.14 -23.62 -2.76
N LEU B 316 17.81 -24.39 -1.93
CA LEU B 316 19.10 -24.93 -2.31
C LEU B 316 18.92 -26.06 -3.30
N ASP B 317 17.87 -26.85 -3.13
CA ASP B 317 17.59 -27.87 -4.10
C ASP B 317 17.50 -27.22 -5.46
N ARG B 318 17.03 -25.98 -5.48
CA ARG B 318 16.96 -25.24 -6.73
C ARG B 318 18.25 -24.47 -6.91
N LYS B 319 18.34 -23.67 -7.95
CA LYS B 319 19.60 -22.98 -8.24
C LYS B 319 19.82 -21.71 -7.46
N LEU B 320 18.87 -21.33 -6.64
CA LEU B 320 18.98 -20.06 -5.93
C LEU B 320 20.23 -19.97 -5.09
N LYS B 321 20.85 -18.81 -5.06
CA LYS B 321 22.04 -18.61 -4.25
C LYS B 321 21.73 -17.63 -3.14
N GLU B 322 22.04 -18.01 -1.91
CA GLU B 322 21.78 -17.15 -0.77
C GLU B 322 22.56 -15.86 -0.87
N GLY B 323 21.97 -14.78 -0.44
CA GLY B 323 22.62 -13.49 -0.52
C GLY B 323 22.27 -12.78 -1.80
N GLU B 324 22.18 -13.54 -2.87
CA GLU B 324 21.85 -12.96 -4.15
C GLU B 324 20.37 -13.11 -4.47
N HIS B 325 19.83 -14.29 -4.24
CA HIS B 325 18.44 -14.55 -4.62
C HIS B 325 17.52 -14.72 -3.43
N PHE B 326 18.08 -14.91 -2.24
CA PHE B 326 17.25 -15.00 -1.05
C PHE B 326 18.01 -14.59 0.19
N GLY B 327 17.28 -14.15 1.21
CA GLY B 327 17.90 -13.74 2.44
C GLY B 327 16.95 -13.33 3.53
N ILE B 328 17.49 -13.02 4.70
CA ILE B 328 16.66 -12.60 5.82
C ILE B 328 17.02 -11.21 6.32
N SER B 329 16.06 -10.51 6.90
CA SER B 329 16.30 -9.18 7.45
C SER B 329 16.88 -8.21 6.42
N LEU B 330 16.08 -7.88 5.41
CA LEU B 330 16.54 -6.95 4.37
C LEU B 330 16.24 -5.53 4.74
N LYS B 331 17.25 -4.69 4.63
CA LYS B 331 17.06 -3.29 4.93
C LYS B 331 17.78 -2.44 3.91
N ALA B 332 17.18 -1.33 3.53
CA ALA B 332 17.79 -0.43 2.59
C ALA B 332 17.07 0.90 2.59
N GLN B 333 17.55 1.84 1.80
CA GLN B 333 16.96 3.16 1.80
C GLN B 333 17.15 3.88 0.50
N LYS B 334 16.32 4.89 0.27
CA LYS B 334 16.50 5.72 -0.88
C LYS B 334 17.35 6.86 -0.34
N LYS B 335 18.02 7.59 -1.20
CA LYS B 335 18.94 8.63 -0.72
C LYS B 335 18.27 9.63 0.21
N ASP B 336 18.89 9.86 1.35
CA ASP B 336 18.36 10.81 2.33
C ASP B 336 16.95 10.45 2.72
N SER B 337 16.68 9.15 2.81
CA SER B 337 15.33 8.73 3.11
C SER B 337 15.32 7.63 4.16
N PRO B 338 14.20 7.49 4.86
CA PRO B 338 14.09 6.48 5.92
C PRO B 338 14.25 5.05 5.38
N TYR B 339 14.88 4.19 6.16
CA TYR B 339 15.09 2.81 5.75
C TYR B 339 13.85 1.95 5.87
N PHE B 340 13.83 0.84 5.14
CA PHE B 340 12.71 -0.09 5.24
C PHE B 340 13.20 -1.41 5.78
N GLU B 341 12.27 -2.24 6.22
CA GLU B 341 12.65 -3.56 6.69
C GLU B 341 11.77 -4.65 6.11
N LEU B 342 12.36 -5.62 5.45
CA LEU B 342 11.61 -6.75 4.92
C LEU B 342 12.16 -8.02 5.54
N ASP B 343 11.29 -8.80 6.17
CA ASP B 343 11.74 -10.00 6.86
C ASP B 343 12.42 -11.03 5.97
N ILE B 344 11.81 -11.35 4.85
CA ILE B 344 12.39 -12.32 3.94
C ILE B 344 12.16 -11.96 2.49
N PHE B 345 13.23 -12.06 1.70
CA PHE B 345 13.11 -11.79 0.27
C PHE B 345 13.49 -13.01 -0.54
N LEU B 346 12.84 -13.20 -1.67
CA LEU B 346 13.16 -14.32 -2.54
C LEU B 346 13.06 -13.83 -3.96
N ILE B 347 13.98 -14.25 -4.81
CA ILE B 347 13.94 -13.85 -6.20
C ILE B 347 13.85 -15.05 -7.12
N ASN B 348 12.76 -15.16 -7.86
CA ASN B 348 12.59 -16.24 -8.81
C ASN B 348 12.78 -15.66 -10.19
N GLY B 349 13.96 -15.89 -10.78
CA GLY B 349 14.26 -15.31 -12.07
C GLY B 349 14.45 -13.83 -11.91
N TYR B 350 13.46 -13.05 -12.32
CA TYR B 350 13.53 -11.61 -12.10
C TYR B 350 12.30 -11.12 -11.35
N GLN B 351 11.59 -12.03 -10.71
CA GLN B 351 10.44 -11.62 -9.90
C GLN B 351 10.79 -11.62 -8.43
N LEU B 352 10.53 -10.50 -7.79
CA LEU B 352 10.78 -10.40 -6.36
C LEU B 352 9.62 -10.93 -5.58
N ILE B 353 9.89 -11.79 -4.62
CA ILE B 353 8.84 -12.25 -3.74
C ILE B 353 9.22 -11.79 -2.36
N GLY B 354 8.41 -10.92 -1.79
CA GLY B 354 8.66 -10.44 -0.45
C GLY B 354 7.78 -11.14 0.55
N ILE B 355 8.36 -11.58 1.66
CA ILE B 355 7.61 -12.28 2.66
C ILE B 355 7.62 -11.58 4.01
N SER B 356 6.45 -11.20 4.50
CA SER B 356 6.36 -10.58 5.80
C SER B 356 5.76 -11.59 6.76
N LEU B 357 6.19 -11.58 8.01
CA LEU B 357 5.72 -12.56 8.95
C LEU B 357 5.14 -12.00 10.21
N THR B 358 3.99 -12.50 10.61
CA THR B 358 3.40 -12.10 11.88
C THR B 358 2.85 -13.33 12.57
N THR B 359 3.01 -13.41 13.87
CA THR B 359 2.48 -14.54 14.63
C THR B 359 1.06 -14.20 15.06
N SER B 360 0.55 -13.06 14.63
CA SER B 360 -0.77 -12.63 15.04
C SER B 360 -1.94 -13.41 14.47
N SER B 361 -3.02 -13.50 15.22
CA SER B 361 -4.21 -14.17 14.74
C SER B 361 -5.30 -13.15 14.55
N THR B 362 -5.01 -11.90 14.87
CA THR B 362 -6.01 -10.85 14.77
C THR B 362 -6.13 -10.30 13.36
N ARG B 363 -7.36 -10.09 12.93
CA ARG B 363 -7.61 -9.61 11.60
C ARG B 363 -7.04 -8.21 11.35
N ARG B 364 -7.24 -7.29 12.27
CA ARG B 364 -6.79 -5.91 12.05
C ARG B 364 -5.30 -5.79 11.80
N LEU B 365 -4.49 -6.35 12.68
CA LEU B 365 -3.05 -6.25 12.55
C LEU B 365 -2.55 -6.91 11.29
N CYS B 366 -3.06 -8.09 11.00
CA CYS B 366 -2.63 -8.82 9.81
C CYS B 366 -2.97 -8.02 8.57
N LYS B 367 -4.12 -7.36 8.57
CA LYS B 367 -4.51 -6.55 7.45
C LYS B 367 -3.50 -5.47 7.20
N LEU B 368 -3.10 -4.78 8.26
CA LEU B 368 -2.13 -3.71 8.13
C LEU B 368 -0.79 -4.23 7.63
N LYS B 369 -0.40 -5.39 8.10
CA LYS B 369 0.85 -6.00 7.65
C LYS B 369 0.78 -6.32 6.17
N GLY B 370 -0.41 -6.66 5.70
CA GLY B 370 -0.58 -6.92 4.28
C GLY B 370 -0.37 -5.68 3.44
N PHE B 371 -0.93 -4.56 3.86
CA PHE B 371 -0.74 -3.32 3.14
C PHE B 371 0.74 -3.01 3.07
N GLU B 372 1.45 -3.22 4.16
CA GLU B 372 2.86 -2.93 4.21
C GLU B 372 3.67 -3.74 3.22
N VAL B 373 3.47 -5.05 3.20
CA VAL B 373 4.25 -5.91 2.31
C VAL B 373 3.96 -5.59 0.85
N ILE B 374 2.71 -5.29 0.54
CA ILE B 374 2.34 -4.95 -0.82
C ILE B 374 3.04 -3.69 -1.31
N HIS B 375 3.09 -2.67 -0.46
CA HIS B 375 3.71 -1.41 -0.86
C HIS B 375 5.22 -1.53 -0.97
N ARG B 376 5.84 -2.25 -0.05
CA ARG B 376 7.28 -2.37 -0.05
C ARG B 376 7.81 -3.10 -1.28
N VAL B 377 7.20 -4.22 -1.61
CA VAL B 377 7.66 -5.02 -2.75
C VAL B 377 7.52 -4.23 -4.03
N ARG B 378 6.50 -3.39 -4.11
CA ARG B 378 6.30 -2.56 -5.27
C ARG B 378 7.37 -1.48 -5.35
N GLN B 379 7.70 -0.89 -4.22
CA GLN B 379 8.72 0.15 -4.16
C GLN B 379 10.12 -0.35 -4.49
N ILE B 380 10.45 -1.55 -4.07
CA ILE B 380 11.81 -2.04 -4.25
C ILE B 380 12.00 -3.00 -5.43
N GLY B 381 10.93 -3.62 -5.90
CA GLY B 381 11.05 -4.59 -6.97
C GLY B 381 10.20 -4.33 -8.19
N GLY B 382 9.34 -3.34 -8.11
CA GLY B 382 8.47 -3.02 -9.23
C GLY B 382 7.02 -3.38 -9.09
N ASP B 383 6.23 -3.10 -10.12
CA ASP B 383 4.78 -3.34 -10.07
C ASP B 383 4.36 -4.78 -10.34
N GLU B 384 5.30 -5.63 -10.68
CA GLU B 384 4.98 -7.03 -10.97
C GLU B 384 5.55 -7.93 -9.89
N SER B 385 5.82 -7.35 -8.72
CA SER B 385 6.36 -8.12 -7.62
C SER B 385 5.25 -8.84 -6.85
N LYS B 386 5.62 -9.90 -6.15
CA LYS B 386 4.65 -10.65 -5.36
C LYS B 386 4.86 -10.45 -3.89
N ALA B 387 3.77 -10.36 -3.14
CA ALA B 387 3.87 -10.19 -1.71
C ALA B 387 3.22 -11.35 -1.00
N ILE B 388 3.93 -11.91 -0.03
CA ILE B 388 3.38 -13.01 0.74
C ILE B 388 3.36 -12.66 2.22
N LEU B 389 2.21 -12.79 2.85
CA LEU B 389 2.09 -12.54 4.27
C LEU B 389 1.80 -13.82 5.01
N ILE B 390 2.65 -14.18 5.96
CA ILE B 390 2.43 -15.37 6.74
C ILE B 390 1.89 -14.97 8.10
N THR B 391 0.68 -15.41 8.40
CA THR B 391 0.03 -15.05 9.64
C THR B 391 -0.24 -16.23 10.55
N GLY B 392 -0.79 -15.97 11.73
CA GLY B 392 -1.16 -17.04 12.63
C GLY B 392 -2.66 -17.17 12.66
N MET B 393 -3.31 -16.85 11.55
CA MET B 393 -4.76 -16.90 11.48
C MET B 393 -5.26 -18.18 10.83
N ASP B 394 -6.56 -18.44 10.97
CA ASP B 394 -7.15 -19.62 10.35
C ASP B 394 -7.43 -19.39 8.88
N LYS B 395 -7.76 -20.46 8.18
CA LYS B 395 -7.99 -20.37 6.74
C LYS B 395 -9.06 -19.36 6.35
N SER B 396 -10.17 -19.34 7.06
CA SER B 396 -11.24 -18.45 6.67
C SER B 396 -10.75 -17.02 6.70
N LYS B 397 -9.99 -16.68 7.74
CA LYS B 397 -9.48 -15.31 7.86
C LYS B 397 -8.48 -15.00 6.77
N THR B 398 -7.57 -15.94 6.50
CA THR B 398 -6.57 -15.73 5.49
C THR B 398 -7.22 -15.47 4.14
N GLU B 399 -8.24 -16.25 3.82
CA GLU B 399 -8.93 -16.08 2.54
C GLU B 399 -9.62 -14.75 2.47
N ASP B 400 -10.20 -14.32 3.58
CA ASP B 400 -10.86 -13.03 3.63
C ASP B 400 -9.87 -11.91 3.37
N LEU B 401 -8.70 -12.00 3.98
CA LEU B 401 -7.72 -10.94 3.83
C LEU B 401 -7.23 -10.85 2.39
N GLN B 402 -7.06 -12.00 1.75
CA GLN B 402 -6.62 -11.99 0.37
C GLN B 402 -7.63 -11.24 -0.49
N LYS B 403 -8.91 -11.51 -0.27
CA LYS B 403 -9.95 -10.82 -1.03
C LYS B 403 -10.02 -9.36 -0.68
N ASP B 404 -9.78 -9.04 0.59
CA ASP B 404 -9.83 -7.66 1.04
C ASP B 404 -8.77 -6.78 0.41
N LEU B 405 -7.55 -7.27 0.31
CA LEU B 405 -6.45 -6.43 -0.18
C LEU B 405 -6.07 -6.70 -1.63
N ALA B 406 -6.82 -7.54 -2.30
CA ALA B 406 -6.50 -7.88 -3.68
C ALA B 406 -6.65 -6.70 -4.60
N TYR B 407 -5.68 -6.50 -5.48
CA TYR B 407 -5.73 -5.41 -6.44
C TYR B 407 -5.56 -5.99 -7.83
N GLU B 408 -6.35 -5.52 -8.77
CA GLU B 408 -6.29 -6.06 -10.13
C GLU B 408 -5.23 -5.44 -11.02
N THR B 409 -4.48 -6.27 -11.73
CA THR B 409 -3.43 -5.78 -12.61
C THR B 409 -3.53 -6.37 -14.00
N GLY B 410 -4.43 -7.31 -14.21
CA GLY B 410 -4.59 -7.93 -15.51
C GLY B 410 -4.08 -9.35 -15.55
N SER B 411 -3.62 -9.85 -14.42
CA SER B 411 -3.11 -11.20 -14.36
C SER B 411 -4.05 -12.09 -13.59
N THR B 412 -4.02 -13.38 -13.89
CA THR B 412 -4.89 -14.33 -13.20
C THR B 412 -4.24 -14.86 -11.95
N GLN B 413 -2.93 -14.72 -11.87
CA GLN B 413 -2.21 -15.18 -10.69
C GLN B 413 -2.13 -14.10 -9.62
N LYS B 414 -2.30 -14.50 -8.37
CA LYS B 414 -2.29 -13.54 -7.28
C LYS B 414 -0.93 -12.95 -6.98
N ARG B 415 -0.89 -11.68 -6.62
CA ARG B 415 0.37 -11.05 -6.24
C ARG B 415 0.39 -10.81 -4.76
N PHE B 416 -0.75 -11.04 -4.10
CA PHE B 416 -0.79 -10.94 -2.64
C PHE B 416 -1.33 -12.25 -2.09
N VAL B 417 -0.48 -13.01 -1.42
CA VAL B 417 -0.88 -14.30 -0.89
C VAL B 417 -0.75 -14.33 0.61
N VAL B 418 -1.76 -14.87 1.27
CA VAL B 418 -1.74 -14.94 2.72
C VAL B 418 -1.73 -16.36 3.21
N PHE B 419 -0.76 -16.69 4.05
CA PHE B 419 -0.72 -18.02 4.64
C PHE B 419 -1.12 -17.93 6.10
N GLY B 420 -1.47 -19.07 6.70
CA GLY B 420 -1.93 -19.07 8.06
C GLY B 420 -1.37 -20.12 9.00
N ILE B 421 -1.92 -20.19 10.20
CA ILE B 421 -1.40 -21.11 11.20
C ILE B 421 -1.29 -22.55 10.72
N ASP B 422 -2.22 -22.97 9.88
CA ASP B 422 -2.21 -24.35 9.42
C ASP B 422 -1.13 -24.64 8.39
N ASP B 423 -0.42 -23.61 7.93
CA ASP B 423 0.62 -23.81 6.93
C ASP B 423 2.02 -23.74 7.53
N TRP B 424 2.11 -23.55 8.83
CA TRP B 424 3.40 -23.36 9.48
C TRP B 424 4.31 -24.58 9.44
N ALA B 425 3.77 -25.75 9.75
CA ALA B 425 4.58 -26.95 9.80
C ALA B 425 5.17 -27.29 8.44
N ASP B 426 4.41 -27.04 7.38
CA ASP B 426 4.89 -27.30 6.03
C ASP B 426 5.05 -26.01 5.25
N ILE B 427 5.50 -24.95 5.92
CA ILE B 427 5.60 -23.65 5.25
C ILE B 427 6.57 -23.63 4.09
N GLY B 428 7.66 -24.38 4.20
CA GLY B 428 8.63 -24.43 3.14
C GLY B 428 8.03 -24.91 1.84
N SER B 429 7.26 -25.98 1.91
CA SER B 429 6.63 -26.52 0.72
C SER B 429 5.58 -25.57 0.18
N LYS B 430 4.81 -24.98 1.07
CA LYS B 430 3.78 -24.05 0.65
C LYS B 430 4.41 -22.88 -0.09
N ILE B 431 5.54 -22.41 0.38
CA ILE B 431 6.22 -21.31 -0.28
C ILE B 431 6.78 -21.75 -1.61
N CYS B 432 7.39 -22.93 -1.64
CA CYS B 432 7.98 -23.42 -2.88
C CYS B 432 6.88 -23.52 -3.91
N GLU B 433 5.72 -23.98 -3.50
CA GLU B 433 4.60 -24.15 -4.43
C GLU B 433 4.10 -22.83 -4.97
N GLU B 434 3.91 -21.85 -4.10
CA GLU B 434 3.40 -20.55 -4.52
C GLU B 434 4.39 -19.78 -5.37
N VAL B 435 5.65 -19.82 -5.01
CA VAL B 435 6.66 -19.07 -5.74
C VAL B 435 7.02 -19.69 -7.06
N PHE B 436 7.24 -21.01 -7.08
CA PHE B 436 7.70 -21.65 -8.30
C PHE B 436 6.58 -22.35 -9.04
N LYS B 437 5.81 -21.60 -9.81
CA LYS B 437 4.72 -22.18 -10.57
C LYS B 437 4.90 -21.89 -12.06
MN MN E . -9.27 6.75 11.58
MN MN F . 2.84 21.74 -35.35
MN MN G . 26.49 -0.40 4.45
MN MN H . 7.53 -9.40 10.86
#